data_8VZQ
#
_entry.id   8VZQ
#
_cell.length_a   53.173
_cell.length_b   58.694
_cell.length_c   93.528
_cell.angle_alpha   86.80
_cell.angle_beta   75.08
_cell.angle_gamma   63.25
#
_symmetry.space_group_name_H-M   'P 1'
#
loop_
_entity.id
_entity.type
_entity.pdbx_description
1 polymer 'Estrogen receptor'
2 non-polymer (1S,2R,4S)-N-(2-fluoro-2-methylpropyl)-5,6-bis(4-hydroxyphenyl)-N-(4-methoxyphenyl)-7-oxabicyclo[2.2.1]hept-5-ene-2-sulfonamide
3 non-polymer 'NICKEL (II) ION'
4 water water
#
_entity_poly.entity_id   1
_entity_poly.type   'polypeptide(L)'
_entity_poly.pdbx_seq_one_letter_code
;SLALSLTADQMVSALLDAEPPILYSEYDPTRPFSEASMMGLLTNLADRELVHMINWAKRVPGFVDLTSHDQVHLLECAWL
EILMIGLVWRSMEHPGKLLFAPNLLLDRNQGKCVEGMVEIFDMLLATSSRFRMMNLQGEEFVCLKSIILLNSGVYTFLSS
TLKSLEEKDHIHRVLDKITDTLIHLMAKAGLTLQQQHQRLAQLLLILSHIRHMSNKGMEHLYSMKCKNVVPSYDLLLEML
DA
;
_entity_poly.pdbx_strand_id   A,B,C,D
#
loop_
_chem_comp.id
_chem_comp.type
_chem_comp.name
_chem_comp.formula
A1AHX non-polymer (1S,2R,4S)-N-(2-fluoro-2-methylpropyl)-5,6-bis(4-hydroxyphenyl)-N-(4-methoxyphenyl)-7-oxabicyclo[2.2.1]hept-5-ene-2-sulfonamide 'C29 H30 F N O6 S'
NI non-polymer 'NICKEL (II) ION' 'Ni 2'
#
# COMPACT_ATOMS: atom_id res chain seq x y z
N LEU A 2 -4.89 32.19 -4.12
CA LEU A 2 -5.85 31.13 -3.80
C LEU A 2 -5.14 29.80 -3.62
N ALA A 3 -4.06 29.60 -4.38
CA ALA A 3 -3.39 28.30 -4.39
C ALA A 3 -2.94 27.89 -3.01
N LEU A 4 -2.34 28.83 -2.25
CA LEU A 4 -1.83 28.53 -0.92
C LEU A 4 -2.93 28.26 0.10
N SER A 5 -4.18 28.57 -0.23
CA SER A 5 -5.30 28.27 0.66
C SER A 5 -5.84 26.87 0.48
N LEU A 6 -5.49 26.20 -0.61
CA LEU A 6 -6.07 24.91 -0.93
C LEU A 6 -5.61 23.83 0.03
N THR A 7 -6.57 23.04 0.52
CA THR A 7 -6.24 21.83 1.25
C THR A 7 -5.59 20.82 0.29
N ALA A 8 -5.08 19.73 0.86
CA ALA A 8 -4.48 18.67 0.05
C ALA A 8 -5.46 18.09 -0.95
N ASP A 9 -6.70 17.82 -0.52
CA ASP A 9 -7.65 17.21 -1.45
C ASP A 9 -8.08 18.18 -2.53
N GLN A 10 -8.14 19.49 -2.21
CA GLN A 10 -8.46 20.46 -3.25
C GLN A 10 -7.33 20.59 -4.26
N MET A 11 -6.08 20.49 -3.79
CA MET A 11 -4.94 20.50 -4.71
C MET A 11 -4.99 19.33 -5.68
N VAL A 12 -5.23 18.12 -5.16
CA VAL A 12 -5.31 16.92 -5.98
C VAL A 12 -6.42 17.03 -7.02
N SER A 13 -7.63 17.39 -6.59
CA SER A 13 -8.75 17.54 -7.52
C SER A 13 -8.43 18.56 -8.60
N ALA A 14 -7.87 19.70 -8.22
CA ALA A 14 -7.50 20.73 -9.20
C ALA A 14 -6.47 20.22 -10.20
N LEU A 15 -5.50 19.43 -9.73
CA LEU A 15 -4.48 18.89 -10.63
C LEU A 15 -5.07 17.79 -11.54
N LEU A 16 -5.96 16.94 -10.98
CA LEU A 16 -6.58 15.90 -11.80
C LEU A 16 -7.45 16.51 -12.88
N ASP A 17 -8.22 17.54 -12.54
CA ASP A 17 -9.10 18.18 -13.52
C ASP A 17 -8.33 18.94 -14.59
N ALA A 18 -7.09 19.36 -14.31
CA ALA A 18 -6.31 20.12 -15.28
C ALA A 18 -5.61 19.24 -16.31
N GLU A 19 -5.65 17.92 -16.15
CA GLU A 19 -4.86 17.03 -16.96
C GLU A 19 -5.17 17.27 -18.43
N PRO A 20 -4.16 17.26 -19.30
CA PRO A 20 -4.40 17.50 -20.72
C PRO A 20 -4.91 16.25 -21.42
N PRO A 21 -5.44 16.37 -22.62
CA PRO A 21 -5.95 15.20 -23.34
C PRO A 21 -4.84 14.30 -23.90
N ILE A 22 -5.22 13.06 -24.18
CA ILE A 22 -4.36 12.15 -24.92
C ILE A 22 -4.52 12.45 -26.40
N LEU A 23 -3.42 12.74 -27.09
CA LEU A 23 -3.45 13.05 -28.50
C LEU A 23 -2.99 11.84 -29.32
N TYR A 24 -3.45 11.79 -30.58
CA TYR A 24 -3.08 10.74 -31.50
C TYR A 24 -1.95 11.20 -32.39
N SER A 25 -1.13 10.26 -32.85
CA SER A 25 -0.15 10.57 -33.89
C SER A 25 -0.86 10.81 -35.23
N GLU A 26 -0.17 11.50 -36.15
CA GLU A 26 -0.69 11.65 -37.51
C GLU A 26 -1.12 10.29 -38.03
N TYR A 27 -2.34 10.23 -38.56
CA TYR A 27 -2.92 8.95 -38.97
C TYR A 27 -2.19 8.37 -40.17
N ASP A 28 -2.05 7.04 -40.18
CA ASP A 28 -1.50 6.26 -41.27
C ASP A 28 -0.29 6.93 -41.98
N PRO A 29 0.83 7.10 -41.27
CA PRO A 29 2.07 7.48 -41.95
C PRO A 29 2.65 6.28 -42.67
N THR A 30 3.60 6.55 -43.56
CA THR A 30 4.20 5.44 -44.28
C THR A 30 5.02 4.63 -43.28
N ARG A 31 4.78 3.32 -43.19
CA ARG A 31 5.60 2.46 -42.36
C ARG A 31 6.32 1.45 -43.26
N PRO A 32 7.59 1.11 -43.00
CA PRO A 32 8.49 1.56 -41.94
C PRO A 32 8.85 3.03 -42.03
N PHE A 33 9.45 3.56 -40.96
CA PHE A 33 9.86 4.96 -40.92
C PHE A 33 11.25 5.15 -41.51
N SER A 34 11.52 6.37 -41.93
CA SER A 34 12.88 6.87 -42.11
C SER A 34 13.26 7.72 -40.91
N GLU A 35 14.55 8.04 -40.78
CA GLU A 35 14.95 9.00 -39.76
C GLU A 35 14.11 10.25 -39.87
N ALA A 36 14.00 10.79 -41.09
CA ALA A 36 13.32 12.06 -41.30
C ALA A 36 11.83 11.95 -41.01
N SER A 37 11.21 10.83 -41.39
CA SER A 37 9.76 10.75 -41.27
C SER A 37 9.35 10.54 -39.81
N MET A 38 10.12 9.77 -39.06
CA MET A 38 9.74 9.57 -37.67
C MET A 38 10.04 10.80 -36.83
N MET A 39 11.19 11.48 -37.04
CA MET A 39 11.31 12.79 -36.40
C MET A 39 10.14 13.70 -36.75
N GLY A 40 9.67 13.65 -38.00
CA GLY A 40 8.53 14.48 -38.40
C GLY A 40 7.26 14.16 -37.65
N LEU A 41 6.92 12.87 -37.52
CA LEU A 41 5.75 12.52 -36.73
C LEU A 41 5.90 12.93 -35.27
N LEU A 42 7.09 12.72 -34.68
CA LEU A 42 7.26 13.05 -33.27
C LEU A 42 7.16 14.56 -33.05
N THR A 43 7.82 15.35 -33.92
CA THR A 43 7.73 16.80 -33.82
C THR A 43 6.28 17.28 -33.92
N ASN A 44 5.51 16.74 -34.85
CA ASN A 44 4.13 17.19 -35.05
C ASN A 44 3.27 16.83 -33.85
N LEU A 45 3.49 15.64 -33.27
CA LEU A 45 2.79 15.26 -32.05
C LEU A 45 3.16 16.19 -30.90
N ALA A 46 4.46 16.44 -30.70
CA ALA A 46 4.90 17.31 -29.60
C ALA A 46 4.36 18.72 -29.77
N ASP A 47 4.38 19.24 -31.00
CA ASP A 47 3.89 20.59 -31.22
C ASP A 47 2.42 20.72 -30.86
N ARG A 48 1.63 19.68 -31.12
CA ARG A 48 0.22 19.70 -30.76
C ARG A 48 0.04 19.49 -29.27
N GLU A 49 0.90 18.72 -28.63
CA GLU A 49 0.79 18.55 -27.17
C GLU A 49 1.14 19.83 -26.44
N LEU A 50 2.06 20.63 -26.99
CA LEU A 50 2.49 21.83 -26.30
C LEU A 50 1.32 22.78 -26.06
N VAL A 51 0.42 22.91 -27.01
CA VAL A 51 -0.73 23.80 -26.83
C VAL A 51 -1.50 23.41 -25.58
N HIS A 52 -1.84 22.13 -25.47
CA HIS A 52 -2.55 21.66 -24.28
C HIS A 52 -1.69 21.72 -23.03
N MET A 53 -0.36 21.65 -23.17
CA MET A 53 0.50 21.81 -22.00
C MET A 53 0.31 23.19 -21.37
N ILE A 54 0.25 24.24 -22.20
CA ILE A 54 0.09 25.59 -21.66
C ILE A 54 -1.26 25.73 -20.97
N ASN A 55 -2.32 25.15 -21.55
CA ASN A 55 -3.61 25.21 -20.86
C ASN A 55 -3.53 24.51 -19.51
N TRP A 56 -2.82 23.38 -19.47
CA TRP A 56 -2.62 22.68 -18.21
C TRP A 56 -1.83 23.53 -17.23
N ALA A 57 -0.73 24.11 -17.71
CA ALA A 57 0.10 24.93 -16.84
C ALA A 57 -0.71 26.03 -16.17
N LYS A 58 -1.54 26.73 -16.95
CA LYS A 58 -2.31 27.86 -16.43
C LYS A 58 -3.29 27.43 -15.34
N ARG A 59 -3.62 26.14 -15.27
CA ARG A 59 -4.48 25.60 -14.23
C ARG A 59 -3.72 24.98 -13.06
N VAL A 60 -2.40 24.94 -13.10
CA VAL A 60 -1.62 24.47 -11.95
C VAL A 60 -1.66 25.56 -10.89
N PRO A 61 -2.23 25.30 -9.72
CA PRO A 61 -2.36 26.36 -8.72
C PRO A 61 -1.06 27.11 -8.49
N GLY A 62 -1.15 28.44 -8.53
CA GLY A 62 0.00 29.28 -8.32
C GLY A 62 0.73 29.71 -9.57
N PHE A 63 0.51 29.03 -10.69
CA PHE A 63 1.27 29.35 -11.88
C PHE A 63 0.88 30.70 -12.45
N VAL A 64 -0.42 31.04 -12.43
CA VAL A 64 -0.87 32.27 -13.06
C VAL A 64 -0.54 33.48 -12.22
N ASP A 65 -0.20 33.29 -10.94
CA ASP A 65 0.20 34.41 -10.11
C ASP A 65 1.53 34.99 -10.54
N LEU A 66 2.31 34.26 -11.32
CA LEU A 66 3.62 34.75 -11.73
C LEU A 66 3.49 35.67 -12.93
N THR A 67 4.53 36.47 -13.16
CA THR A 67 4.58 37.29 -14.35
C THR A 67 4.64 36.41 -15.60
N SER A 68 4.18 36.97 -16.72
CA SER A 68 4.20 36.23 -17.98
C SER A 68 5.62 35.79 -18.32
N HIS A 69 6.59 36.65 -18.07
CA HIS A 69 7.99 36.34 -18.33
C HIS A 69 8.46 35.16 -17.51
N ASP A 70 8.10 35.13 -16.22
CA ASP A 70 8.51 33.99 -15.40
C ASP A 70 7.78 32.71 -15.83
N GLN A 71 6.50 32.83 -16.22
CA GLN A 71 5.74 31.68 -16.71
C GLN A 71 6.38 31.08 -17.95
N VAL A 72 6.82 31.92 -18.89
CA VAL A 72 7.44 31.42 -20.11
C VAL A 72 8.74 30.69 -19.81
N HIS A 73 9.57 31.24 -18.90
CA HIS A 73 10.82 30.56 -18.49
C HIS A 73 10.57 29.25 -17.79
N LEU A 74 9.54 29.14 -16.96
CA LEU A 74 9.24 27.82 -16.40
C LEU A 74 8.92 26.83 -17.52
N LEU A 75 8.14 27.25 -18.52
CA LEU A 75 7.80 26.35 -19.61
C LEU A 75 9.02 26.07 -20.49
N GLU A 76 9.88 27.06 -20.72
CA GLU A 76 11.06 26.83 -21.54
C GLU A 76 11.94 25.74 -20.94
N CYS A 77 12.14 25.79 -19.62
CA CYS A 77 13.02 24.83 -18.96
C CYS A 77 12.38 23.46 -18.79
N ALA A 78 11.05 23.39 -18.70
CA ALA A 78 10.36 22.18 -18.32
C ALA A 78 9.65 21.43 -19.44
N TRP A 79 9.46 22.01 -20.62
CA TRP A 79 8.52 21.44 -21.58
C TRP A 79 8.89 20.02 -21.96
N LEU A 80 10.18 19.75 -22.22
CA LEU A 80 10.52 18.39 -22.65
C LEU A 80 10.41 17.38 -21.51
N GLU A 81 10.80 17.77 -20.29
CA GLU A 81 10.58 16.92 -19.12
C GLU A 81 9.11 16.59 -18.92
N ILE A 82 8.22 17.56 -19.10
CA ILE A 82 6.79 17.31 -18.98
C ILE A 82 6.30 16.38 -20.07
N LEU A 83 6.74 16.58 -21.32
CA LEU A 83 6.36 15.65 -22.37
C LEU A 83 6.88 14.26 -22.04
N MET A 84 8.09 14.18 -21.48
CA MET A 84 8.73 12.90 -21.22
C MET A 84 8.06 12.17 -20.07
N ILE A 85 7.64 12.89 -19.04
CA ILE A 85 7.02 12.19 -17.93
C ILE A 85 5.65 11.68 -18.35
N GLY A 86 4.92 12.47 -19.13
CA GLY A 86 3.70 11.98 -19.74
C GLY A 86 3.91 10.72 -20.56
N LEU A 87 4.95 10.70 -21.39
CA LEU A 87 5.24 9.51 -22.16
C LEU A 87 5.50 8.31 -21.25
N VAL A 88 6.27 8.53 -20.17
CA VAL A 88 6.62 7.45 -19.27
C VAL A 88 5.38 6.91 -18.56
N TRP A 89 4.52 7.81 -18.09
CA TRP A 89 3.25 7.42 -17.50
C TRP A 89 2.35 6.66 -18.49
N ARG A 90 2.26 7.12 -19.73
CA ARG A 90 1.44 6.41 -20.72
C ARG A 90 1.99 5.03 -20.99
N SER A 91 3.28 4.84 -20.87
CA SER A 91 3.95 3.62 -21.28
C SER A 91 4.01 2.57 -20.18
N MET A 92 3.58 2.88 -18.96
CA MET A 92 3.84 1.98 -17.84
C MET A 92 3.34 0.58 -18.09
N GLU A 93 2.14 0.44 -18.62
CA GLU A 93 1.54 -0.87 -18.77
C GLU A 93 1.90 -1.54 -20.08
N HIS A 94 2.87 -0.98 -20.82
CA HIS A 94 3.39 -1.54 -22.05
C HIS A 94 4.88 -1.77 -21.86
N PRO A 95 5.25 -2.78 -21.08
CA PRO A 95 6.68 -3.01 -20.80
C PRO A 95 7.48 -3.26 -22.07
N GLY A 96 8.64 -2.61 -22.15
CA GLY A 96 9.49 -2.73 -23.32
C GLY A 96 9.13 -1.81 -24.47
N LYS A 97 8.07 -1.01 -24.34
CA LYS A 97 7.60 -0.17 -25.43
C LYS A 97 7.25 1.20 -24.88
N LEU A 98 7.26 2.18 -25.78
CA LEU A 98 6.87 3.54 -25.46
C LEU A 98 5.60 3.88 -26.23
N LEU A 99 4.57 4.32 -25.49
CA LEU A 99 3.27 4.67 -26.04
C LEU A 99 3.24 6.19 -26.25
N PHE A 100 3.77 6.63 -27.40
CA PHE A 100 3.73 8.06 -27.72
C PHE A 100 2.30 8.55 -27.92
N ALA A 101 1.49 7.75 -28.59
CA ALA A 101 0.07 7.99 -28.76
C ALA A 101 -0.60 6.63 -28.84
N PRO A 102 -1.92 6.57 -28.69
CA PRO A 102 -2.59 5.26 -28.80
C PRO A 102 -2.26 4.55 -30.11
N ASN A 103 -2.01 5.30 -31.19
CA ASN A 103 -1.73 4.72 -32.49
C ASN A 103 -0.23 4.78 -32.85
N LEU A 104 0.64 5.02 -31.88
CA LEU A 104 2.09 5.09 -32.14
C LEU A 104 2.80 4.47 -30.96
N LEU A 105 2.88 3.14 -30.97
CA LEU A 105 3.53 2.37 -29.91
C LEU A 105 4.83 1.81 -30.49
N LEU A 106 5.96 2.21 -29.92
CA LEU A 106 7.28 1.92 -30.49
C LEU A 106 8.12 1.10 -29.52
N ASP A 107 8.75 0.06 -30.04
CA ASP A 107 9.68 -0.73 -29.23
C ASP A 107 11.10 -0.23 -29.43
N ARG A 108 12.01 -0.78 -28.62
CA ARG A 108 13.38 -0.29 -28.56
C ARG A 108 14.03 -0.21 -29.94
N ASN A 109 13.84 -1.22 -30.77
CA ASN A 109 14.60 -1.26 -32.01
C ASN A 109 14.08 -0.28 -33.06
N GLN A 110 12.89 0.29 -32.90
CA GLN A 110 12.51 1.42 -33.74
C GLN A 110 13.19 2.70 -33.28
N GLY A 111 13.54 2.78 -31.99
CA GLY A 111 14.30 3.92 -31.53
C GLY A 111 15.63 4.07 -32.24
N LYS A 112 16.19 2.95 -32.72
CA LYS A 112 17.50 3.02 -33.37
C LYS A 112 17.44 3.77 -34.67
N CYS A 113 16.23 4.14 -35.07
CA CYS A 113 16.02 4.63 -36.42
C CYS A 113 16.75 5.94 -36.64
N VAL A 114 16.47 6.93 -35.78
CA VAL A 114 17.12 8.23 -35.86
C VAL A 114 18.36 8.20 -34.96
N GLU A 115 19.47 8.70 -35.47
CA GLU A 115 20.74 8.58 -34.76
C GLU A 115 20.65 9.27 -33.41
N GLY A 116 21.15 8.57 -32.39
CA GLY A 116 21.20 9.07 -31.04
C GLY A 116 19.95 8.86 -30.20
N MET A 117 18.94 8.18 -30.71
CA MET A 117 17.72 8.20 -29.93
C MET A 117 17.48 6.90 -29.17
N VAL A 118 18.09 5.77 -29.57
CA VAL A 118 17.91 4.54 -28.79
C VAL A 118 18.37 4.74 -27.34
N GLU A 119 19.44 5.51 -27.13
CA GLU A 119 19.93 5.71 -25.76
C GLU A 119 18.88 6.38 -24.89
N ILE A 120 18.17 7.35 -25.43
CA ILE A 120 17.12 8.00 -24.65
C ILE A 120 15.93 7.09 -24.52
N PHE A 121 15.64 6.28 -25.54
CA PHE A 121 14.59 5.28 -25.40
C PHE A 121 14.87 4.34 -24.24
N ASP A 122 16.10 3.85 -24.14
CA ASP A 122 16.45 2.96 -23.04
C ASP A 122 16.26 3.64 -21.68
N MET A 123 16.62 4.92 -21.57
CA MET A 123 16.38 5.63 -20.32
C MET A 123 14.89 5.83 -20.06
N LEU A 124 14.11 6.16 -21.09
CA LEU A 124 12.68 6.33 -20.90
C LEU A 124 12.04 5.02 -20.45
N LEU A 125 12.47 3.91 -21.06
CA LEU A 125 11.92 2.60 -20.69
C LEU A 125 12.30 2.23 -19.26
N ALA A 126 13.53 2.52 -18.84
CA ALA A 126 13.91 2.25 -17.47
C ALA A 126 13.12 3.09 -16.47
N THR A 127 12.76 4.31 -16.85
CA THR A 127 11.93 5.13 -15.97
C THR A 127 10.53 4.56 -15.87
N SER A 128 9.97 4.09 -17.00
CA SER A 128 8.65 3.48 -16.98
C SER A 128 8.64 2.21 -16.12
N SER A 129 9.73 1.43 -16.17
CA SER A 129 9.82 0.26 -15.31
C SER A 129 9.94 0.68 -13.84
N ARG A 130 10.74 1.70 -13.55
CA ARG A 130 10.82 2.22 -12.20
C ARG A 130 9.45 2.66 -11.67
N PHE A 131 8.67 3.36 -12.49
CA PHE A 131 7.34 3.79 -12.05
C PHE A 131 6.43 2.59 -11.83
N ARG A 132 6.52 1.59 -12.70
CA ARG A 132 5.77 0.35 -12.52
C ARG A 132 6.21 -0.35 -11.24
N MET A 133 7.54 -0.44 -11.03
CA MET A 133 8.08 -1.02 -9.80
C MET A 133 7.43 -0.36 -8.57
N MET A 134 7.39 0.98 -8.56
CA MET A 134 6.89 1.70 -7.40
C MET A 134 5.36 1.70 -7.30
N ASN A 135 4.66 1.21 -8.32
CA ASN A 135 3.21 1.35 -8.41
C ASN A 135 2.81 2.82 -8.29
N LEU A 136 3.43 3.66 -9.11
CA LEU A 136 3.08 5.08 -9.10
C LEU A 136 1.60 5.29 -9.36
N GLN A 137 0.98 6.16 -8.57
CA GLN A 137 -0.45 6.41 -8.66
C GLN A 137 -0.71 7.64 -9.50
N GLY A 138 -1.90 7.70 -10.10
CA GLY A 138 -2.24 8.84 -10.95
C GLY A 138 -2.18 10.16 -10.19
N GLU A 139 -2.71 10.17 -8.95
CA GLU A 139 -2.66 11.36 -8.12
C GLU A 139 -1.23 11.76 -7.78
N GLU A 140 -0.32 10.79 -7.60
CA GLU A 140 1.08 11.12 -7.40
C GLU A 140 1.70 11.68 -8.68
N PHE A 141 1.33 11.10 -9.82
CA PHE A 141 1.90 11.52 -11.10
C PHE A 141 1.60 12.99 -11.39
N VAL A 142 0.36 13.44 -11.13
CA VAL A 142 0.03 14.83 -11.43
C VAL A 142 0.77 15.77 -10.48
N CYS A 143 1.04 15.33 -9.23
CA CYS A 143 1.85 16.17 -8.35
C CYS A 143 3.27 16.28 -8.85
N LEU A 144 3.83 15.17 -9.35
CA LEU A 144 5.18 15.17 -9.89
C LEU A 144 5.29 16.09 -11.09
N LYS A 145 4.33 16.00 -12.01
CA LYS A 145 4.37 16.84 -13.21
C LYS A 145 4.32 18.32 -12.85
N SER A 146 3.54 18.66 -11.83
CA SER A 146 3.48 20.04 -11.38
C SER A 146 4.78 20.47 -10.72
N ILE A 147 5.41 19.57 -9.97
CA ILE A 147 6.70 19.90 -9.37
C ILE A 147 7.71 20.22 -10.47
N ILE A 148 7.74 19.39 -11.51
CA ILE A 148 8.66 19.60 -12.64
C ILE A 148 8.47 21.00 -13.23
N LEU A 149 7.22 21.41 -13.44
CA LEU A 149 6.93 22.73 -14.02
C LEU A 149 7.43 23.87 -13.13
N LEU A 150 7.13 23.81 -11.84
CA LEU A 150 7.50 24.90 -10.94
C LEU A 150 8.95 24.86 -10.53
N ASN A 151 9.58 23.69 -10.46
CA ASN A 151 10.93 23.62 -9.93
C ASN A 151 12.01 23.81 -10.98
N SER A 152 11.81 23.29 -12.19
CA SER A 152 12.92 23.17 -13.13
C SER A 152 13.51 24.52 -13.50
N GLY A 153 12.71 25.58 -13.50
CA GLY A 153 13.20 26.87 -13.95
C GLY A 153 13.36 27.89 -12.85
N VAL A 154 13.01 27.51 -11.61
CA VAL A 154 13.00 28.51 -10.54
C VAL A 154 14.41 28.99 -10.22
N TYR A 155 15.41 28.11 -10.28
CA TYR A 155 16.76 28.52 -9.90
C TYR A 155 17.31 29.57 -10.85
N THR A 156 16.59 29.87 -11.93
CA THR A 156 16.98 30.86 -12.92
C THR A 156 16.24 32.19 -12.78
N PHE A 157 15.48 32.40 -11.70
CA PHE A 157 14.90 33.72 -11.49
C PHE A 157 16.00 34.68 -11.01
N LEU A 158 15.79 35.98 -11.25
CA LEU A 158 16.93 36.92 -11.22
C LEU A 158 17.42 37.21 -9.80
N SER A 159 16.50 37.34 -8.84
CA SER A 159 16.74 37.86 -7.49
C SER A 159 17.28 39.28 -7.47
N SER A 160 17.22 39.95 -8.61
CA SER A 160 17.62 41.35 -8.71
C SER A 160 16.78 42.28 -7.85
N THR A 161 15.48 42.02 -7.74
CA THR A 161 14.52 42.97 -7.20
C THR A 161 13.77 42.38 -6.02
N LEU A 162 13.06 43.25 -5.29
CA LEU A 162 12.16 42.76 -4.26
C LEU A 162 11.16 41.79 -4.85
N LYS A 163 10.62 42.10 -6.03
CA LYS A 163 9.60 41.24 -6.61
C LYS A 163 10.16 39.86 -6.91
N SER A 164 11.32 39.79 -7.56
CA SER A 164 11.88 38.48 -7.93
C SER A 164 11.95 37.54 -6.73
N LEU A 165 12.36 38.05 -5.56
CA LEU A 165 12.26 37.25 -4.33
C LEU A 165 10.83 36.89 -3.98
N GLU A 166 9.87 37.79 -4.24
CA GLU A 166 8.48 37.42 -4.01
C GLU A 166 8.05 36.31 -4.94
N GLU A 167 8.42 36.41 -6.23
CA GLU A 167 8.10 35.34 -7.19
C GLU A 167 8.68 34.02 -6.73
N LYS A 168 9.96 34.02 -6.38
CA LYS A 168 10.63 32.76 -6.05
C LYS A 168 10.25 32.23 -4.68
N ASP A 169 9.97 33.12 -3.70
CA ASP A 169 9.37 32.64 -2.45
C ASP A 169 7.99 32.06 -2.70
N HIS A 170 7.23 32.64 -3.63
CA HIS A 170 5.90 32.10 -3.93
C HIS A 170 5.97 30.68 -4.49
N ILE A 171 6.83 30.46 -5.48
CA ILE A 171 6.98 29.13 -6.06
C ILE A 171 7.37 28.13 -4.98
N HIS A 172 8.31 28.49 -4.11
CA HIS A 172 8.74 27.56 -3.07
C HIS A 172 7.60 27.26 -2.11
N ARG A 173 6.71 28.23 -1.84
CA ARG A 173 5.55 27.95 -1.00
C ARG A 173 4.59 26.99 -1.69
N VAL A 174 4.39 27.16 -3.00
CA VAL A 174 3.51 26.23 -3.72
C VAL A 174 4.14 24.85 -3.77
N LEU A 175 5.46 24.77 -3.99
CA LEU A 175 6.14 23.47 -3.98
C LEU A 175 5.99 22.79 -2.64
N ASP A 176 6.09 23.57 -1.56
CA ASP A 176 5.84 23.03 -0.21
C ASP A 176 4.44 22.42 -0.12
N LYS A 177 3.44 23.11 -0.68
CA LYS A 177 2.06 22.62 -0.63
C LYS A 177 1.91 21.34 -1.43
N ILE A 178 2.59 21.22 -2.57
CA ILE A 178 2.51 19.98 -3.33
C ILE A 178 3.21 18.84 -2.58
N THR A 179 4.33 19.14 -1.89
CA THR A 179 4.95 18.17 -1.00
C THR A 179 3.97 17.69 0.06
N ASP A 180 3.29 18.63 0.72
CA ASP A 180 2.29 18.27 1.70
C ASP A 180 1.22 17.38 1.07
N THR A 181 0.84 17.69 -0.16
CA THR A 181 -0.22 16.92 -0.81
C THR A 181 0.25 15.50 -1.11
N LEU A 182 1.48 15.35 -1.58
CA LEU A 182 2.00 14.01 -1.79
C LEU A 182 1.98 13.23 -0.50
N ILE A 183 2.49 13.83 0.59
CA ILE A 183 2.53 13.13 1.85
C ILE A 183 1.12 12.77 2.30
N HIS A 184 0.16 13.69 2.12
CA HIS A 184 -1.21 13.41 2.52
C HIS A 184 -1.77 12.19 1.79
N LEU A 185 -1.54 12.12 0.48
CA LEU A 185 -2.02 10.97 -0.28
C LEU A 185 -1.41 9.68 0.24
N MET A 186 -0.14 9.73 0.64
CA MET A 186 0.50 8.51 1.10
C MET A 186 -0.01 8.09 2.47
N ALA A 187 -0.22 9.05 3.37
CA ALA A 187 -0.79 8.72 4.67
C ALA A 187 -2.19 8.16 4.53
N LYS A 188 -2.99 8.73 3.63
CA LYS A 188 -4.33 8.23 3.35
C LYS A 188 -4.32 6.84 2.70
N ALA A 189 -3.27 6.50 1.95
CA ALA A 189 -3.16 5.13 1.47
C ALA A 189 -2.94 4.16 2.62
N GLY A 190 -2.32 4.61 3.70
CA GLY A 190 -2.00 3.78 4.84
C GLY A 190 -0.53 3.60 5.11
N LEU A 191 0.37 4.24 4.35
CA LEU A 191 1.80 4.08 4.59
C LEU A 191 2.16 4.62 5.98
N THR A 192 3.16 3.99 6.60
CA THR A 192 3.69 4.53 7.84
C THR A 192 4.47 5.82 7.58
N LEU A 193 4.84 6.52 8.65
CA LEU A 193 5.59 7.77 8.50
C LEU A 193 6.92 7.52 7.80
N GLN A 194 7.63 6.47 8.22
CA GLN A 194 8.89 6.13 7.58
C GLN A 194 8.68 5.87 6.11
N GLN A 195 7.72 5.00 5.77
CA GLN A 195 7.45 4.69 4.37
C GLN A 195 7.07 5.94 3.59
N GLN A 196 6.41 6.90 4.24
CA GLN A 196 6.01 8.12 3.53
C GLN A 196 7.23 8.92 3.09
N HIS A 197 8.14 9.18 4.05
CA HIS A 197 9.33 9.96 3.75
C HIS A 197 10.17 9.25 2.70
N GLN A 198 10.31 7.93 2.82
CA GLN A 198 11.08 7.15 1.86
C GLN A 198 10.49 7.22 0.45
N ARG A 199 9.15 7.11 0.33
CA ARG A 199 8.53 7.15 -0.98
C ARG A 199 8.63 8.55 -1.56
N LEU A 200 8.44 9.57 -0.73
CA LEU A 200 8.58 10.95 -1.22
C LEU A 200 9.95 11.14 -1.85
N ALA A 201 11.00 10.68 -1.16
CA ALA A 201 12.38 10.83 -1.66
C ALA A 201 12.59 10.05 -2.94
N GLN A 202 12.09 8.80 -3.00
CA GLN A 202 12.24 8.00 -4.20
C GLN A 202 11.60 8.69 -5.39
N LEU A 203 10.41 9.28 -5.21
CA LEU A 203 9.75 9.95 -6.33
C LEU A 203 10.52 11.19 -6.77
N LEU A 204 11.00 11.98 -5.81
CA LEU A 204 11.72 13.21 -6.16
C LEU A 204 13.08 12.90 -6.77
N LEU A 205 13.71 11.80 -6.37
CA LEU A 205 14.97 11.43 -6.96
C LEU A 205 14.79 11.01 -8.43
N ILE A 206 13.65 10.43 -8.78
CA ILE A 206 13.40 10.10 -10.19
C ILE A 206 13.35 11.37 -11.03
N LEU A 207 12.98 12.50 -10.42
CA LEU A 207 12.91 13.75 -11.17
C LEU A 207 14.29 14.20 -11.65
N SER A 208 15.36 13.81 -10.96
CA SER A 208 16.70 14.14 -11.46
C SER A 208 17.05 13.30 -12.68
N HIS A 209 16.57 12.07 -12.75
CA HIS A 209 16.74 11.28 -13.96
C HIS A 209 15.95 11.86 -15.13
N ILE A 210 14.71 12.30 -14.90
CA ILE A 210 13.94 12.92 -15.98
C ILE A 210 14.66 14.15 -16.51
N ARG A 211 15.20 14.97 -15.61
CA ARG A 211 16.01 16.11 -16.01
C ARG A 211 17.20 15.66 -16.87
N HIS A 212 17.86 14.59 -16.48
CA HIS A 212 18.98 14.07 -17.25
C HIS A 212 18.52 13.70 -18.66
N MET A 213 17.45 12.92 -18.77
CA MET A 213 17.00 12.49 -20.10
C MET A 213 16.63 13.70 -20.97
N SER A 214 15.95 14.69 -20.39
CA SER A 214 15.61 15.90 -21.13
C SER A 214 16.87 16.61 -21.61
N ASN A 215 17.89 16.68 -20.75
CA ASN A 215 19.12 17.34 -21.17
C ASN A 215 19.79 16.54 -22.27
N LYS A 216 19.76 15.21 -22.15
CA LYS A 216 20.43 14.35 -23.10
C LYS A 216 19.79 14.50 -24.48
N GLY A 217 18.51 14.66 -24.49
CA GLY A 217 17.76 14.71 -25.70
C GLY A 217 18.01 15.99 -26.45
N MET A 218 18.01 17.12 -25.72
CA MET A 218 18.36 18.39 -26.33
C MET A 218 19.77 18.36 -26.91
N GLU A 219 20.69 17.69 -26.21
CA GLU A 219 22.09 17.68 -26.64
C GLU A 219 22.29 16.89 -27.92
N HIS A 220 21.64 15.72 -28.05
CA HIS A 220 21.70 15.00 -29.32
C HIS A 220 21.09 15.82 -30.44
N LEU A 221 19.96 16.46 -30.20
CA LEU A 221 19.50 17.54 -31.07
C LEU A 221 20.59 18.58 -31.26
N TYR A 222 21.11 19.12 -30.16
CA TYR A 222 22.06 20.23 -30.20
C TYR A 222 21.33 21.53 -30.57
N ASN A 228 14.71 24.54 -36.25
CA ASN A 228 14.40 25.10 -34.94
C ASN A 228 13.12 24.50 -34.38
N VAL A 229 13.23 23.35 -33.71
CA VAL A 229 12.05 22.61 -33.27
C VAL A 229 11.70 22.86 -31.79
N VAL A 230 12.67 23.23 -30.97
CA VAL A 230 12.35 23.72 -29.60
C VAL A 230 11.46 24.96 -29.65
N PRO A 231 10.39 25.01 -28.86
CA PRO A 231 9.50 26.17 -28.90
C PRO A 231 10.21 27.42 -28.41
N SER A 232 10.02 28.52 -29.14
CA SER A 232 10.72 29.75 -28.83
C SER A 232 10.01 30.48 -27.69
N TYR A 233 10.76 31.41 -27.08
CA TYR A 233 10.15 32.30 -26.10
C TYR A 233 8.88 32.92 -26.66
N ASP A 234 8.98 33.53 -27.84
CA ASP A 234 7.85 34.27 -28.39
C ASP A 234 6.65 33.37 -28.62
N LEU A 235 6.89 32.14 -29.08
CA LEU A 235 5.79 31.20 -29.24
C LEU A 235 5.13 30.89 -27.90
N LEU A 236 5.93 30.54 -26.90
CA LEU A 236 5.37 30.22 -25.59
C LEU A 236 4.60 31.40 -25.01
N LEU A 237 5.14 32.62 -25.20
CA LEU A 237 4.45 33.81 -24.70
C LEU A 237 3.11 34.00 -25.38
N GLU A 238 3.07 33.84 -26.71
CA GLU A 238 1.82 34.05 -27.44
C GLU A 238 0.78 33.03 -27.04
N MET A 239 1.18 31.77 -26.86
CA MET A 239 0.20 30.78 -26.41
C MET A 239 -0.27 31.06 -24.99
N LEU A 240 0.62 31.57 -24.13
CA LEU A 240 0.22 31.94 -22.78
C LEU A 240 -0.84 33.04 -22.80
N ASP A 241 -0.68 34.04 -23.66
CA ASP A 241 -1.64 35.15 -23.68
C ASP A 241 -2.94 34.77 -24.39
N ALA A 242 -2.90 33.80 -25.29
CA ALA A 242 -4.11 33.37 -25.99
C ALA A 242 -5.08 32.73 -25.02
N LEU B 2 26.13 -4.43 6.64
CA LEU B 2 26.43 -3.47 7.69
C LEU B 2 25.93 -2.08 7.37
N ALA B 3 25.98 -1.69 6.09
CA ALA B 3 25.43 -0.38 5.73
C ALA B 3 23.95 -0.30 6.04
N LEU B 4 23.21 -1.38 5.80
CA LEU B 4 21.77 -1.36 6.06
C LEU B 4 21.46 -1.41 7.55
N SER B 5 22.43 -1.81 8.37
CA SER B 5 22.23 -1.84 9.82
C SER B 5 22.69 -0.56 10.51
N LEU B 6 23.17 0.43 9.76
CA LEU B 6 23.67 1.64 10.40
C LEU B 6 22.53 2.51 10.91
N THR B 7 22.74 3.10 12.09
CA THR B 7 21.83 4.10 12.60
C THR B 7 22.06 5.41 11.85
N ALA B 8 21.14 6.36 12.05
CA ALA B 8 21.32 7.69 11.47
C ALA B 8 22.61 8.35 11.96
N ASP B 9 22.88 8.28 13.25
CA ASP B 9 24.09 8.88 13.79
C ASP B 9 25.36 8.22 13.24
N GLN B 10 25.31 6.90 12.97
CA GLN B 10 26.46 6.21 12.38
C GLN B 10 26.68 6.60 10.93
N MET B 11 25.59 6.79 10.17
CA MET B 11 25.70 7.20 8.79
C MET B 11 26.36 8.57 8.69
N VAL B 12 25.89 9.52 9.50
CA VAL B 12 26.45 10.87 9.48
C VAL B 12 27.92 10.83 9.89
N SER B 13 28.22 10.12 10.99
CA SER B 13 29.61 10.00 11.42
C SER B 13 30.48 9.47 10.29
N ALA B 14 30.04 8.39 9.64
CA ALA B 14 30.85 7.79 8.58
C ALA B 14 31.07 8.76 7.42
N LEU B 15 30.02 9.47 7.01
CA LEU B 15 30.17 10.39 5.91
C LEU B 15 31.02 11.59 6.31
N LEU B 16 30.81 12.13 7.52
CA LEU B 16 31.62 13.26 7.97
C LEU B 16 33.10 12.87 8.05
N ASP B 17 33.38 11.62 8.46
CA ASP B 17 34.77 11.18 8.57
C ASP B 17 35.40 10.91 7.20
N ALA B 18 34.60 10.58 6.20
CA ALA B 18 35.13 10.36 4.85
C ALA B 18 35.29 11.64 4.04
N GLU B 19 34.93 12.80 4.58
CA GLU B 19 34.95 14.04 3.82
C GLU B 19 36.35 14.34 3.30
N PRO B 20 36.53 14.60 2.02
CA PRO B 20 37.86 14.96 1.52
C PRO B 20 38.29 16.33 2.02
N PRO B 21 39.58 16.58 2.07
CA PRO B 21 40.04 17.92 2.44
C PRO B 21 39.71 18.92 1.35
N ILE B 22 39.69 20.20 1.74
CA ILE B 22 39.59 21.30 0.79
C ILE B 22 40.96 21.55 0.20
N LEU B 23 41.09 21.40 -1.11
CA LEU B 23 42.39 21.53 -1.75
C LEU B 23 42.63 22.96 -2.24
N TYR B 24 43.90 23.26 -2.49
CA TYR B 24 44.31 24.57 -2.96
C TYR B 24 44.65 24.51 -4.42
N SER B 25 44.54 25.65 -5.08
CA SER B 25 45.02 25.84 -6.43
C SER B 25 46.54 25.90 -6.44
N GLU B 26 47.12 25.52 -7.58
CA GLU B 26 48.57 25.47 -7.77
C GLU B 26 49.26 26.82 -7.86
N TYR B 27 48.56 27.96 -7.83
CA TYR B 27 49.23 29.24 -8.10
C TYR B 27 50.42 29.44 -7.16
N ASP B 28 51.51 30.01 -7.71
CA ASP B 28 52.77 30.22 -6.98
C ASP B 28 53.17 31.66 -6.68
N PRO B 29 52.40 32.68 -7.07
CA PRO B 29 52.97 34.05 -7.04
C PRO B 29 53.31 34.57 -5.65
N THR B 30 54.59 34.95 -5.53
CA THR B 30 55.44 35.36 -4.39
C THR B 30 56.52 34.31 -4.29
N SER B 37 46.71 30.59 -16.28
CA SER B 37 45.50 30.24 -17.03
C SER B 37 44.36 29.66 -16.23
N MET B 38 43.19 30.25 -16.38
CA MET B 38 42.06 29.72 -15.68
C MET B 38 41.75 28.23 -15.85
N MET B 39 41.66 27.68 -17.09
CA MET B 39 41.38 26.28 -17.16
C MET B 39 42.51 25.43 -16.61
N GLY B 40 43.75 25.76 -16.95
CA GLY B 40 44.85 25.00 -16.37
C GLY B 40 44.60 24.82 -14.90
N LEU B 41 44.31 25.93 -14.21
CA LEU B 41 44.12 25.90 -12.77
C LEU B 41 42.94 25.03 -12.38
N LEU B 42 41.81 25.20 -13.06
CA LEU B 42 40.63 24.42 -12.69
C LEU B 42 40.83 22.95 -13.03
N THR B 43 41.43 22.66 -14.18
CA THR B 43 41.67 21.26 -14.53
C THR B 43 42.58 20.60 -13.50
N ASN B 44 43.72 21.23 -13.22
CA ASN B 44 44.64 20.70 -12.21
C ASN B 44 43.96 20.49 -10.87
N LEU B 45 43.10 21.43 -10.47
CA LEU B 45 42.35 21.27 -9.23
C LEU B 45 41.42 20.06 -9.29
N ALA B 46 40.57 20.00 -10.32
CA ALA B 46 39.67 18.86 -10.48
C ALA B 46 40.42 17.54 -10.54
N ASP B 47 41.55 17.51 -11.26
CA ASP B 47 42.37 16.31 -11.34
C ASP B 47 42.69 15.78 -9.94
N ARG B 48 43.11 16.66 -9.04
CA ARG B 48 43.49 16.23 -7.71
C ARG B 48 42.26 15.93 -6.83
N GLU B 49 41.16 16.65 -7.03
CA GLU B 49 39.94 16.33 -6.28
C GLU B 49 39.40 14.95 -6.64
N LEU B 50 39.52 14.57 -7.91
CA LEU B 50 39.03 13.26 -8.34
C LEU B 50 39.72 12.13 -7.62
N VAL B 51 41.02 12.26 -7.35
CA VAL B 51 41.73 11.21 -6.61
C VAL B 51 41.12 11.06 -5.22
N HIS B 52 40.83 12.18 -4.55
CA HIS B 52 40.17 12.12 -3.25
C HIS B 52 38.73 11.62 -3.37
N MET B 53 38.03 12.00 -4.44
CA MET B 53 36.65 11.55 -4.63
C MET B 53 36.55 10.02 -4.68
N ILE B 54 37.44 9.38 -5.45
CA ILE B 54 37.40 7.93 -5.56
C ILE B 54 37.52 7.28 -4.20
N ASN B 55 38.48 7.76 -3.41
CA ASN B 55 38.65 7.15 -2.10
C ASN B 55 37.56 7.58 -1.15
N TRP B 56 36.96 8.74 -1.37
CA TRP B 56 35.76 9.09 -0.60
C TRP B 56 34.60 8.15 -0.93
N ALA B 57 34.41 7.84 -2.24
CA ALA B 57 33.29 6.99 -2.64
C ALA B 57 33.41 5.60 -2.03
N LYS B 58 34.62 5.07 -1.91
CA LYS B 58 34.80 3.75 -1.32
C LYS B 58 34.35 3.70 0.13
N ARG B 59 34.20 4.86 0.78
CA ARG B 59 33.83 4.94 2.18
C ARG B 59 32.36 5.31 2.38
N VAL B 60 31.61 5.56 1.31
CA VAL B 60 30.17 5.78 1.40
C VAL B 60 29.51 4.44 1.73
N PRO B 61 28.77 4.32 2.82
CA PRO B 61 28.22 3.00 3.19
C PRO B 61 27.43 2.38 2.04
N GLY B 62 27.70 1.10 1.78
CA GLY B 62 27.02 0.37 0.73
C GLY B 62 27.69 0.44 -0.63
N PHE B 63 28.61 1.37 -0.85
CA PHE B 63 29.19 1.54 -2.18
C PHE B 63 30.12 0.40 -2.53
N VAL B 64 30.98 -0.02 -1.60
CA VAL B 64 31.91 -1.09 -1.92
C VAL B 64 31.24 -2.45 -1.98
N ASP B 65 29.99 -2.56 -1.49
CA ASP B 65 29.24 -3.80 -1.66
C ASP B 65 28.89 -4.07 -3.13
N LEU B 66 29.00 -3.07 -3.98
CA LEU B 66 28.65 -3.20 -5.39
C LEU B 66 29.82 -3.77 -6.18
N THR B 67 29.50 -4.38 -7.31
CA THR B 67 30.55 -4.84 -8.22
C THR B 67 31.37 -3.64 -8.67
N SER B 68 32.64 -3.88 -8.99
CA SER B 68 33.49 -2.79 -9.47
C SER B 68 32.86 -2.12 -10.68
N HIS B 69 32.29 -2.91 -11.59
CA HIS B 69 31.66 -2.33 -12.77
C HIS B 69 30.58 -1.32 -12.37
N ASP B 70 29.76 -1.69 -11.37
CA ASP B 70 28.69 -0.78 -10.96
C ASP B 70 29.26 0.44 -10.25
N GLN B 71 30.31 0.25 -9.45
CA GLN B 71 30.96 1.39 -8.79
C GLN B 71 31.47 2.40 -9.82
N VAL B 72 32.07 1.91 -10.90
CA VAL B 72 32.61 2.82 -11.92
C VAL B 72 31.49 3.53 -12.64
N HIS B 73 30.41 2.81 -12.92
CA HIS B 73 29.28 3.41 -13.60
C HIS B 73 28.66 4.55 -12.77
N LEU B 74 28.59 4.39 -11.46
CA LEU B 74 28.07 5.46 -10.61
C LEU B 74 29.01 6.65 -10.58
N LEU B 75 30.33 6.41 -10.47
CA LEU B 75 31.27 7.53 -10.47
C LEU B 75 31.28 8.23 -11.83
N GLU B 76 31.21 7.47 -12.92
CA GLU B 76 31.21 8.07 -14.24
C GLU B 76 30.05 9.04 -14.40
N CYS B 77 28.88 8.70 -13.83
CA CYS B 77 27.70 9.52 -13.98
C CYS B 77 27.64 10.71 -13.01
N ALA B 78 28.33 10.63 -11.87
CA ALA B 78 28.16 11.63 -10.82
C ALA B 78 29.37 12.52 -10.54
N TRP B 79 30.51 12.29 -11.17
CA TRP B 79 31.73 12.96 -10.71
C TRP B 79 31.61 14.48 -10.81
N LEU B 80 31.04 15.00 -11.90
CA LEU B 80 30.97 16.46 -12.02
C LEU B 80 29.91 17.04 -11.09
N GLU B 81 28.77 16.37 -10.94
CA GLU B 81 27.80 16.79 -9.92
C GLU B 81 28.45 16.90 -8.54
N ILE B 82 29.30 15.92 -8.20
CA ILE B 82 29.96 15.89 -6.90
C ILE B 82 30.95 17.04 -6.74
N LEU B 83 31.79 17.26 -7.75
CA LEU B 83 32.64 18.44 -7.73
C LEU B 83 31.83 19.72 -7.56
N MET B 84 30.73 19.86 -8.31
CA MET B 84 29.92 21.06 -8.27
C MET B 84 29.25 21.26 -6.92
N ILE B 85 28.71 20.18 -6.32
CA ILE B 85 28.04 20.41 -5.04
C ILE B 85 29.09 20.79 -3.98
N GLY B 86 30.31 20.29 -4.13
CA GLY B 86 31.36 20.69 -3.23
C GLY B 86 31.69 22.15 -3.38
N LEU B 87 31.72 22.65 -4.62
CA LEU B 87 31.98 24.06 -4.88
C LEU B 87 30.89 24.95 -4.31
N VAL B 88 29.63 24.53 -4.46
CA VAL B 88 28.51 25.33 -3.97
C VAL B 88 28.56 25.42 -2.45
N TRP B 89 28.85 24.29 -1.79
CA TRP B 89 29.04 24.26 -0.34
C TRP B 89 30.14 25.22 0.10
N ARG B 90 31.31 25.18 -0.55
CA ARG B 90 32.41 26.07 -0.20
C ARG B 90 32.07 27.53 -0.42
N SER B 91 31.25 27.85 -1.42
CA SER B 91 31.00 29.24 -1.82
C SER B 91 29.86 29.87 -1.04
N MET B 92 29.25 29.12 -0.15
CA MET B 92 27.94 29.48 0.40
C MET B 92 28.01 30.74 1.24
N GLU B 93 29.14 30.97 1.90
CA GLU B 93 29.31 32.12 2.76
C GLU B 93 30.05 33.27 2.04
N HIS B 94 30.18 33.17 0.72
CA HIS B 94 30.81 34.16 -0.13
C HIS B 94 29.82 34.55 -1.23
N PRO B 95 28.76 35.26 -0.87
CA PRO B 95 27.73 35.60 -1.86
C PRO B 95 28.33 36.31 -3.06
N GLY B 96 27.89 35.90 -4.25
CA GLY B 96 28.36 36.49 -5.48
C GLY B 96 29.69 35.93 -5.99
N LYS B 97 30.27 34.96 -5.29
CA LYS B 97 31.59 34.44 -5.63
C LYS B 97 31.55 32.92 -5.53
N LEU B 98 32.49 32.30 -6.24
CA LEU B 98 32.68 30.86 -6.20
C LEU B 98 34.06 30.58 -5.63
N LEU B 99 34.09 29.86 -4.52
CA LEU B 99 35.34 29.50 -3.85
C LEU B 99 35.82 28.15 -4.40
N PHE B 100 36.45 28.20 -5.58
CA PHE B 100 37.03 27.00 -6.16
C PHE B 100 38.08 26.42 -5.23
N ALA B 101 38.92 27.28 -4.67
CA ALA B 101 39.85 26.91 -3.61
C ALA B 101 40.06 28.13 -2.73
N PRO B 102 40.59 27.95 -1.53
CA PRO B 102 40.82 29.12 -0.66
C PRO B 102 41.66 30.20 -1.33
N ASN B 103 42.51 29.84 -2.28
CA ASN B 103 43.31 30.80 -3.01
C ASN B 103 42.83 30.96 -4.45
N LEU B 104 41.55 30.66 -4.72
CA LEU B 104 41.01 30.81 -6.08
C LEU B 104 39.52 31.11 -5.91
N LEU B 105 39.23 32.37 -5.57
CA LEU B 105 37.86 32.86 -5.39
C LEU B 105 37.52 33.73 -6.57
N LEU B 106 36.49 33.35 -7.32
CA LEU B 106 36.15 34.02 -8.57
C LEU B 106 34.76 34.63 -8.48
N ASP B 107 34.60 35.78 -9.11
CA ASP B 107 33.30 36.44 -9.22
C ASP B 107 32.80 36.31 -10.66
N ARG B 108 31.57 36.78 -10.87
CA ARG B 108 30.91 36.57 -12.16
C ARG B 108 31.80 37.01 -13.32
N ASN B 109 32.42 38.18 -13.18
CA ASN B 109 33.18 38.74 -14.31
C ASN B 109 34.30 37.81 -14.73
N GLN B 110 34.92 37.15 -13.75
CA GLN B 110 36.03 36.24 -14.00
C GLN B 110 35.57 34.96 -14.67
N GLY B 111 34.27 34.73 -14.76
CA GLY B 111 33.75 33.54 -15.39
C GLY B 111 33.68 33.67 -16.90
N MET B 117 32.23 29.19 -18.93
CA MET B 117 31.04 29.85 -19.45
C MET B 117 30.30 30.52 -18.30
N VAL B 118 29.72 31.70 -18.58
CA VAL B 118 29.08 32.46 -17.52
C VAL B 118 27.74 31.82 -16.99
N GLU B 119 26.76 31.39 -17.86
CA GLU B 119 25.59 30.53 -17.55
C GLU B 119 25.74 29.49 -16.49
N ILE B 120 26.79 28.67 -16.54
CA ILE B 120 26.92 27.73 -15.44
C ILE B 120 27.28 28.47 -14.17
N PHE B 121 28.13 29.47 -14.24
CA PHE B 121 28.47 30.17 -13.01
C PHE B 121 27.37 31.03 -12.48
N ASP B 122 26.43 31.47 -13.31
CA ASP B 122 25.22 32.01 -12.72
C ASP B 122 24.41 30.92 -12.03
N MET B 123 24.35 29.71 -12.61
CA MET B 123 23.59 28.65 -11.97
C MET B 123 24.23 28.19 -10.67
N LEU B 124 25.55 28.12 -10.62
CA LEU B 124 26.22 27.71 -9.39
C LEU B 124 25.99 28.70 -8.27
N LEU B 125 26.01 29.99 -8.60
CA LEU B 125 25.76 31.02 -7.60
C LEU B 125 24.34 30.91 -7.06
N ALA B 126 23.36 30.68 -7.94
CA ALA B 126 22.00 30.52 -7.50
C ALA B 126 21.85 29.34 -6.56
N THR B 127 22.61 28.27 -6.81
CA THR B 127 22.54 27.11 -5.91
C THR B 127 23.12 27.45 -4.53
N SER B 128 24.30 28.07 -4.52
CA SER B 128 24.90 28.49 -3.26
C SER B 128 23.97 29.42 -2.49
N SER B 129 23.31 30.34 -3.19
CA SER B 129 22.36 31.23 -2.55
C SER B 129 21.19 30.44 -1.95
N ARG B 130 20.74 29.40 -2.65
CA ARG B 130 19.65 28.59 -2.14
C ARG B 130 20.08 27.85 -0.88
N PHE B 131 21.29 27.30 -0.86
CA PHE B 131 21.75 26.62 0.33
C PHE B 131 21.91 27.58 1.51
N ARG B 132 22.32 28.82 1.23
CA ARG B 132 22.42 29.84 2.27
C ARG B 132 21.06 30.16 2.86
N MET B 133 20.07 30.42 2.00
CA MET B 133 18.73 30.73 2.49
C MET B 133 18.16 29.60 3.33
N MET B 134 18.44 28.35 2.97
CA MET B 134 17.96 27.20 3.71
C MET B 134 18.82 26.84 4.91
N ASN B 135 19.90 27.57 5.17
CA ASN B 135 20.79 27.23 6.27
C ASN B 135 21.20 25.76 6.22
N LEU B 136 21.60 25.31 5.02
CA LEU B 136 22.07 23.95 4.85
C LEU B 136 23.18 23.65 5.84
N GLN B 137 23.06 22.52 6.53
CA GLN B 137 24.01 22.09 7.55
C GLN B 137 25.01 21.09 6.97
N GLY B 138 26.23 21.09 7.51
CA GLY B 138 27.25 20.18 7.04
C GLY B 138 26.82 18.73 7.03
N GLU B 139 26.06 18.31 8.05
CA GLU B 139 25.57 16.93 8.09
C GLU B 139 24.56 16.65 6.97
N GLU B 140 23.74 17.63 6.61
CA GLU B 140 22.83 17.46 5.50
C GLU B 140 23.58 17.45 4.19
N PHE B 141 24.66 18.24 4.10
CA PHE B 141 25.46 18.31 2.87
C PHE B 141 26.06 16.96 2.53
N VAL B 142 26.72 16.31 3.49
CA VAL B 142 27.35 15.03 3.21
C VAL B 142 26.33 13.99 2.78
N CYS B 143 25.14 14.01 3.40
CA CYS B 143 24.06 13.12 2.98
C CYS B 143 23.70 13.35 1.51
N LEU B 144 23.56 14.62 1.11
CA LEU B 144 23.17 14.94 -0.26
C LEU B 144 24.24 14.51 -1.26
N LYS B 145 25.51 14.65 -0.88
CA LYS B 145 26.59 14.26 -1.79
C LYS B 145 26.58 12.76 -2.02
N SER B 146 26.29 11.99 -0.97
CA SER B 146 26.22 10.55 -1.14
C SER B 146 25.01 10.13 -1.96
N ILE B 147 23.89 10.86 -1.87
CA ILE B 147 22.72 10.58 -2.70
C ILE B 147 23.05 10.78 -4.16
N ILE B 148 23.77 11.85 -4.48
CA ILE B 148 24.21 12.09 -5.85
C ILE B 148 24.99 10.90 -6.35
N LEU B 149 25.93 10.40 -5.55
CA LEU B 149 26.75 9.28 -5.95
C LEU B 149 25.89 8.06 -6.27
N LEU B 150 24.96 7.72 -5.38
CA LEU B 150 24.25 6.46 -5.52
C LEU B 150 23.11 6.55 -6.52
N ASN B 151 22.53 7.73 -6.68
CA ASN B 151 21.32 7.87 -7.47
C ASN B 151 21.56 8.28 -8.91
N SER B 152 22.68 8.91 -9.23
CA SER B 152 22.79 9.51 -10.55
C SER B 152 22.89 8.47 -11.65
N GLY B 153 23.42 7.29 -11.35
CA GLY B 153 23.62 6.29 -12.36
C GLY B 153 22.73 5.08 -12.20
N VAL B 154 21.90 5.05 -11.16
CA VAL B 154 21.18 3.82 -10.84
C VAL B 154 20.19 3.47 -11.95
N TYR B 155 19.56 4.47 -12.57
CA TYR B 155 18.58 4.22 -13.63
C TYR B 155 19.25 3.95 -14.98
N THR B 156 20.57 4.08 -15.07
CA THR B 156 21.38 3.61 -16.19
C THR B 156 22.08 2.29 -15.85
N PHE B 157 21.45 1.45 -15.03
CA PHE B 157 21.94 0.11 -14.75
C PHE B 157 23.20 0.09 -13.87
N LEU B 158 23.04 0.50 -12.62
CA LEU B 158 24.10 0.37 -11.60
C LEU B 158 23.52 0.17 -10.22
N SER B 164 22.46 -7.47 -11.66
CA SER B 164 21.89 -6.18 -12.01
C SER B 164 20.76 -5.81 -11.06
N LEU B 165 19.72 -6.65 -11.02
CA LEU B 165 18.55 -6.32 -10.21
C LEU B 165 18.90 -6.27 -8.72
N GLU B 166 19.77 -7.17 -8.27
CA GLU B 166 20.18 -7.15 -6.86
C GLU B 166 20.93 -5.87 -6.53
N GLU B 167 21.86 -5.48 -7.39
CA GLU B 167 22.59 -4.22 -7.22
C GLU B 167 21.64 -3.05 -7.10
N LYS B 168 20.65 -2.96 -8.01
CA LYS B 168 19.72 -1.84 -7.99
C LYS B 168 18.90 -1.83 -6.71
N ASP B 169 18.47 -3.01 -6.25
CA ASP B 169 17.73 -3.06 -4.99
C ASP B 169 18.59 -2.58 -3.82
N HIS B 170 19.82 -3.10 -3.72
CA HIS B 170 20.72 -2.68 -2.65
C HIS B 170 20.87 -1.17 -2.61
N ILE B 171 21.10 -0.58 -3.78
CA ILE B 171 21.30 0.86 -3.84
C ILE B 171 20.08 1.57 -3.31
N HIS B 172 18.89 1.07 -3.64
CA HIS B 172 17.67 1.72 -3.17
C HIS B 172 17.50 1.59 -1.66
N ARG B 173 17.89 0.45 -1.06
CA ARG B 173 17.90 0.33 0.40
C ARG B 173 18.90 1.29 1.03
N VAL B 174 20.05 1.51 0.41
CA VAL B 174 20.98 2.46 1.03
C VAL B 174 20.42 3.87 0.91
N LEU B 175 19.84 4.21 -0.25
CA LEU B 175 19.22 5.52 -0.42
C LEU B 175 18.11 5.75 0.61
N ASP B 176 17.31 4.71 0.89
CA ASP B 176 16.28 4.81 1.92
C ASP B 176 16.90 5.06 3.29
N LYS B 177 18.09 4.53 3.54
CA LYS B 177 18.76 4.78 4.82
C LYS B 177 19.21 6.23 4.91
N ILE B 178 19.72 6.80 3.81
CA ILE B 178 20.13 8.18 3.82
C ILE B 178 18.92 9.09 3.96
N THR B 179 17.77 8.71 3.38
CA THR B 179 16.55 9.46 3.64
C THR B 179 16.22 9.46 5.13
N ASP B 180 16.24 8.28 5.77
CA ASP B 180 15.98 8.20 7.19
C ASP B 180 16.94 9.07 7.97
N THR B 181 18.19 9.12 7.53
CA THR B 181 19.21 9.90 8.20
C THR B 181 18.89 11.38 8.14
N LEU B 182 18.45 11.86 6.96
CA LEU B 182 18.13 13.26 6.81
C LEU B 182 16.96 13.63 7.69
N ILE B 183 15.94 12.77 7.74
CA ILE B 183 14.78 13.02 8.58
C ILE B 183 15.19 13.03 10.04
N HIS B 184 16.06 12.09 10.45
CA HIS B 184 16.49 12.05 11.85
C HIS B 184 17.22 13.34 12.22
N LEU B 185 18.13 13.78 11.36
CA LEU B 185 18.83 15.03 11.61
C LEU B 185 17.85 16.17 11.85
N MET B 186 16.80 16.26 11.03
CA MET B 186 15.89 17.39 11.17
C MET B 186 15.02 17.24 12.42
N ALA B 187 14.58 16.02 12.74
CA ALA B 187 13.84 15.81 13.98
C ALA B 187 14.66 16.23 15.20
N LYS B 188 15.98 15.94 15.19
CA LYS B 188 16.85 16.31 16.30
C LYS B 188 17.13 17.80 16.32
N ALA B 189 17.08 18.47 15.18
CA ALA B 189 17.18 19.92 15.12
C ALA B 189 15.89 20.62 15.52
N GLY B 190 14.83 19.88 15.81
CA GLY B 190 13.59 20.45 16.31
C GLY B 190 12.52 20.75 15.28
N LEU B 191 12.62 20.23 14.08
CA LEU B 191 11.62 20.51 13.05
C LEU B 191 10.39 19.64 13.30
N THR B 192 9.21 20.22 13.05
CA THR B 192 7.98 19.45 13.08
C THR B 192 7.97 18.45 11.94
N LEU B 193 7.06 17.49 12.02
CA LEU B 193 6.94 16.50 10.96
C LEU B 193 6.66 17.18 9.62
N GLN B 194 5.80 18.21 9.60
CA GLN B 194 5.52 18.89 8.34
C GLN B 194 6.77 19.56 7.79
N GLN B 195 7.51 20.25 8.67
CA GLN B 195 8.75 20.88 8.26
C GLN B 195 9.78 19.85 7.81
N GLN B 196 9.78 18.67 8.41
CA GLN B 196 10.72 17.63 8.03
C GLN B 196 10.48 17.19 6.60
N HIS B 197 9.23 16.82 6.28
CA HIS B 197 9.06 16.45 4.93
C HIS B 197 9.22 17.59 3.90
N GLN B 198 8.82 18.83 4.23
CA GLN B 198 9.03 19.95 3.32
C GLN B 198 10.51 20.17 3.06
N ARG B 199 11.33 20.06 4.09
CA ARG B 199 12.75 20.32 3.90
C ARG B 199 13.41 19.19 3.13
N LEU B 200 13.03 17.96 3.41
CA LEU B 200 13.50 16.83 2.62
C LEU B 200 13.27 17.08 1.14
N ALA B 201 12.06 17.53 0.79
CA ALA B 201 11.71 17.73 -0.61
C ALA B 201 12.52 18.86 -1.20
N GLN B 202 12.67 19.95 -0.45
CA GLN B 202 13.45 21.09 -0.96
C GLN B 202 14.88 20.69 -1.26
N LEU B 203 15.48 19.88 -0.40
CA LEU B 203 16.87 19.49 -0.60
C LEU B 203 16.98 18.58 -1.84
N LEU B 204 16.07 17.64 -1.98
CA LEU B 204 16.14 16.72 -3.11
C LEU B 204 15.81 17.42 -4.43
N LEU B 205 14.95 18.42 -4.43
CA LEU B 205 14.67 19.13 -5.69
C LEU B 205 15.91 19.89 -6.17
N ILE B 206 16.77 20.31 -5.25
CA ILE B 206 18.00 20.99 -5.67
C ILE B 206 18.92 20.05 -6.43
N LEU B 207 18.82 18.74 -6.16
CA LEU B 207 19.62 17.77 -6.89
C LEU B 207 19.26 17.72 -8.37
N SER B 208 18.00 17.96 -8.71
CA SER B 208 17.62 18.09 -10.11
C SER B 208 18.36 19.25 -10.78
N HIS B 209 18.54 20.36 -10.06
CA HIS B 209 19.26 21.49 -10.64
C HIS B 209 20.75 21.19 -10.75
N ILE B 210 21.31 20.47 -9.80
CA ILE B 210 22.72 20.11 -9.91
C ILE B 210 22.94 19.19 -11.09
N ARG B 211 22.03 18.24 -11.31
CA ARG B 211 22.16 17.38 -12.48
C ARG B 211 22.15 18.22 -13.75
N HIS B 212 21.29 19.24 -13.79
CA HIS B 212 21.20 20.11 -14.97
C HIS B 212 22.47 20.92 -15.18
N MET B 213 23.04 21.48 -14.10
CA MET B 213 24.30 22.19 -14.23
C MET B 213 25.42 21.27 -14.72
N SER B 214 25.45 20.03 -14.20
CA SER B 214 26.45 19.06 -14.68
C SER B 214 26.27 18.76 -16.17
N ASN B 215 25.05 18.47 -16.60
CA ASN B 215 24.81 18.22 -18.01
C ASN B 215 25.22 19.40 -18.88
N LYS B 216 24.87 20.61 -18.45
CA LYS B 216 25.22 21.78 -19.25
C LYS B 216 26.73 21.97 -19.33
N GLY B 217 27.42 21.94 -18.18
CA GLY B 217 28.87 22.05 -18.20
C GLY B 217 29.49 20.98 -19.07
N MET B 218 28.96 19.76 -18.98
CA MET B 218 29.50 18.66 -19.77
C MET B 218 29.33 18.91 -21.25
N GLU B 219 28.21 19.51 -21.67
CA GLU B 219 27.95 19.65 -23.10
C GLU B 219 28.47 20.97 -23.64
N HIS B 220 28.85 21.91 -22.78
CA HIS B 220 29.59 23.08 -23.23
C HIS B 220 31.01 22.70 -23.61
N LEU B 221 31.73 22.02 -22.71
CA LEU B 221 33.00 21.37 -23.04
C LEU B 221 33.06 21.03 -24.53
N VAL B 230 35.41 14.11 -18.63
CA VAL B 230 36.64 13.62 -19.22
C VAL B 230 37.09 12.24 -18.69
N PRO B 231 36.89 11.91 -17.41
CA PRO B 231 37.41 10.61 -16.96
C PRO B 231 36.59 9.49 -17.58
N SER B 232 37.27 8.63 -18.33
CA SER B 232 36.60 7.56 -19.03
C SER B 232 36.22 6.44 -18.07
N TYR B 233 35.39 5.53 -18.57
CA TYR B 233 35.07 4.33 -17.81
C TYR B 233 36.33 3.61 -17.33
N ASP B 234 37.28 3.38 -18.25
CA ASP B 234 38.46 2.60 -17.90
C ASP B 234 39.40 3.35 -16.97
N LEU B 235 39.48 4.68 -17.09
CA LEU B 235 40.25 5.46 -16.13
C LEU B 235 39.72 5.25 -14.70
N LEU B 236 38.41 5.39 -14.53
CA LEU B 236 37.83 5.30 -13.20
C LEU B 236 38.01 3.91 -12.62
N LEU B 237 38.03 2.89 -13.46
CA LEU B 237 38.18 1.55 -12.91
C LEU B 237 39.62 1.28 -12.50
N GLU B 238 40.60 1.75 -13.27
CA GLU B 238 41.98 1.62 -12.81
C GLU B 238 42.18 2.41 -11.52
N MET B 239 41.66 3.63 -11.47
CA MET B 239 41.77 4.43 -10.25
C MET B 239 41.12 3.72 -9.07
N LEU B 240 39.99 3.05 -9.32
CA LEU B 240 39.29 2.36 -8.25
C LEU B 240 39.82 0.95 -8.03
N ASP B 241 40.44 0.33 -9.02
CA ASP B 241 41.22 -0.86 -8.73
C ASP B 241 42.37 -0.53 -7.78
N ALA B 242 43.13 0.51 -8.11
CA ALA B 242 44.19 1.00 -7.25
C ALA B 242 43.60 1.80 -6.08
N LEU C 4 -36.00 -8.35 24.65
CA LEU C 4 -36.74 -8.14 23.40
C LEU C 4 -37.62 -6.89 23.45
N SER C 5 -37.92 -6.41 24.66
CA SER C 5 -38.68 -5.17 24.78
C SER C 5 -37.79 -3.94 24.80
N LEU C 6 -36.52 -4.11 25.14
CA LEU C 6 -35.60 -2.99 25.24
C LEU C 6 -35.52 -2.23 23.92
N THR C 7 -35.27 -0.93 24.02
CA THR C 7 -35.01 -0.12 22.85
C THR C 7 -33.52 -0.14 22.53
N ALA C 8 -33.17 0.47 21.38
CA ALA C 8 -31.77 0.54 20.99
C ALA C 8 -30.92 1.25 22.05
N ASP C 9 -31.36 2.43 22.48
CA ASP C 9 -30.61 3.17 23.49
C ASP C 9 -30.49 2.37 24.78
N GLN C 10 -31.55 1.66 25.17
CA GLN C 10 -31.51 0.86 26.38
C GLN C 10 -30.56 -0.32 26.23
N MET C 11 -30.48 -0.89 25.02
CA MET C 11 -29.56 -2.00 24.77
C MET C 11 -28.12 -1.55 24.96
N VAL C 12 -27.74 -0.42 24.37
CA VAL C 12 -26.37 0.08 24.51
C VAL C 12 -26.02 0.32 25.97
N SER C 13 -26.93 0.94 26.72
CA SER C 13 -26.69 1.21 28.14
C SER C 13 -26.48 -0.09 28.89
N ALA C 14 -27.33 -1.09 28.64
CA ALA C 14 -27.18 -2.38 29.30
C ALA C 14 -25.82 -2.99 29.00
N LEU C 15 -25.41 -2.97 27.73
CA LEU C 15 -24.13 -3.56 27.36
C LEU C 15 -22.95 -2.76 27.92
N LEU C 16 -23.05 -1.43 27.90
CA LEU C 16 -21.97 -0.61 28.43
C LEU C 16 -21.81 -0.84 29.93
N ASP C 17 -22.92 -0.88 30.66
CA ASP C 17 -22.85 -1.12 32.11
C ASP C 17 -22.36 -2.52 32.45
N ALA C 18 -22.52 -3.50 31.55
CA ALA C 18 -22.10 -4.87 31.80
C ALA C 18 -20.62 -5.12 31.53
N GLU C 19 -19.92 -4.14 30.96
CA GLU C 19 -18.56 -4.36 30.51
C GLU C 19 -17.73 -4.90 31.67
N PRO C 20 -16.85 -5.85 31.43
CA PRO C 20 -15.99 -6.38 32.50
C PRO C 20 -14.82 -5.44 32.77
N PRO C 21 -14.10 -5.63 33.87
CA PRO C 21 -12.96 -4.75 34.18
C PRO C 21 -11.72 -5.17 33.39
N ILE C 22 -10.80 -4.23 33.27
CA ILE C 22 -9.47 -4.52 32.76
C ILE C 22 -8.66 -5.15 33.89
N LEU C 23 -8.00 -6.28 33.63
CA LEU C 23 -7.23 -6.95 34.64
C LEU C 23 -5.75 -6.78 34.35
N TYR C 24 -4.95 -6.83 35.41
CA TYR C 24 -3.50 -6.77 35.27
C TYR C 24 -2.92 -8.16 35.16
N SER C 25 -1.80 -8.26 34.47
CA SER C 25 -1.02 -9.49 34.49
C SER C 25 -0.41 -9.69 35.88
N GLU C 26 -0.04 -10.93 36.19
CA GLU C 26 0.71 -11.22 37.41
C GLU C 26 1.87 -10.25 37.54
N TYR C 27 2.04 -9.69 38.73
CA TYR C 27 3.01 -8.64 38.90
C TYR C 27 4.45 -9.17 38.80
N ASP C 28 5.31 -8.33 38.23
CA ASP C 28 6.76 -8.57 38.08
C ASP C 28 7.11 -10.02 37.79
N PRO C 29 6.74 -10.53 36.63
CA PRO C 29 7.28 -11.83 36.19
C PRO C 29 8.77 -11.71 35.90
N THR C 30 9.44 -12.86 35.90
CA THR C 30 10.78 -12.92 35.34
C THR C 30 10.74 -12.50 33.87
N ARG C 31 11.45 -11.42 33.56
CA ARG C 31 11.70 -10.96 32.19
C ARG C 31 13.19 -11.14 31.92
N PRO C 32 13.61 -11.66 30.76
CA PRO C 32 12.89 -12.12 29.56
C PRO C 32 12.00 -13.32 29.80
N PHE C 33 11.12 -13.61 28.86
CA PHE C 33 10.21 -14.74 28.99
C PHE C 33 10.83 -16.01 28.41
N SER C 34 10.53 -17.14 29.06
CA SER C 34 10.65 -18.45 28.43
C SER C 34 9.32 -18.80 27.76
N GLU C 35 9.35 -19.76 26.83
CA GLU C 35 8.11 -20.24 26.25
C GLU C 35 7.12 -20.62 27.34
N ALA C 36 7.60 -21.33 28.38
CA ALA C 36 6.71 -21.84 29.41
C ALA C 36 6.20 -20.71 30.31
N SER C 37 7.04 -19.73 30.63
CA SER C 37 6.61 -18.69 31.56
C SER C 37 5.63 -17.71 30.90
N MET C 38 5.81 -17.43 29.62
CA MET C 38 4.84 -16.58 28.91
C MET C 38 3.48 -17.26 28.83
N MET C 39 3.46 -18.56 28.50
CA MET C 39 2.18 -19.25 28.47
C MET C 39 1.53 -19.25 29.84
N GLY C 40 2.31 -19.47 30.89
CA GLY C 40 1.78 -19.39 32.25
C GLY C 40 1.21 -18.03 32.58
N LEU C 41 1.93 -16.97 32.20
CA LEU C 41 1.42 -15.63 32.47
C LEU C 41 0.12 -15.38 31.69
N LEU C 42 0.08 -15.77 30.42
CA LEU C 42 -1.14 -15.58 29.64
C LEU C 42 -2.26 -16.48 30.16
N THR C 43 -1.94 -17.72 30.52
CA THR C 43 -2.96 -18.64 31.04
C THR C 43 -3.58 -18.11 32.33
N ASN C 44 -2.76 -17.55 33.23
CA ASN C 44 -3.26 -17.01 34.48
C ASN C 44 -4.13 -15.78 34.25
N LEU C 45 -3.72 -14.90 33.34
CA LEU C 45 -4.55 -13.76 32.98
C LEU C 45 -5.90 -14.20 32.42
N ALA C 46 -5.89 -15.16 31.48
CA ALA C 46 -7.13 -15.58 30.83
C ALA C 46 -8.06 -16.26 31.82
N ASP C 47 -7.50 -17.02 32.77
CA ASP C 47 -8.33 -17.71 33.76
C ASP C 47 -9.06 -16.72 34.66
N ARG C 48 -8.39 -15.64 35.04
CA ARG C 48 -9.03 -14.62 35.85
C ARG C 48 -10.04 -13.83 35.02
N GLU C 49 -9.73 -13.55 33.77
CA GLU C 49 -10.69 -12.84 32.92
C GLU C 49 -11.96 -13.65 32.70
N LEU C 50 -11.85 -14.98 32.70
CA LEU C 50 -13.01 -15.81 32.39
C LEU C 50 -14.11 -15.63 33.43
N VAL C 51 -13.74 -15.53 34.69
CA VAL C 51 -14.73 -15.31 35.75
C VAL C 51 -15.54 -14.06 35.46
N HIS C 52 -14.86 -12.99 35.05
CA HIS C 52 -15.58 -11.76 34.75
C HIS C 52 -16.33 -11.83 33.44
N MET C 53 -15.86 -12.61 32.47
CA MET C 53 -16.61 -12.84 31.24
C MET C 53 -17.94 -13.49 31.54
N ILE C 54 -17.98 -14.42 32.48
CA ILE C 54 -19.23 -15.06 32.84
C ILE C 54 -20.19 -14.03 33.43
N ASN C 55 -19.70 -13.16 34.30
CA ASN C 55 -20.57 -12.13 34.88
C ASN C 55 -21.12 -11.21 33.80
N TRP C 56 -20.28 -10.86 32.82
CA TRP C 56 -20.73 -10.04 31.71
C TRP C 56 -21.73 -10.78 30.84
N ALA C 57 -21.53 -12.09 30.63
CA ALA C 57 -22.46 -12.84 29.81
C ALA C 57 -23.83 -12.85 30.44
N LYS C 58 -23.90 -13.06 31.76
CA LYS C 58 -25.17 -13.12 32.46
C LYS C 58 -25.92 -11.80 32.41
N ARG C 59 -25.26 -10.70 32.04
CA ARG C 59 -25.91 -9.41 31.92
C ARG C 59 -26.16 -9.03 30.47
N VAL C 60 -25.76 -9.86 29.51
CA VAL C 60 -26.07 -9.59 28.10
C VAL C 60 -27.56 -9.83 27.94
N PRO C 61 -28.36 -8.83 27.54
CA PRO C 61 -29.80 -9.05 27.46
C PRO C 61 -30.19 -10.30 26.68
N GLY C 62 -30.97 -11.18 27.31
CA GLY C 62 -31.44 -12.40 26.69
C GLY C 62 -30.64 -13.65 27.01
N PHE C 63 -29.44 -13.51 27.57
CA PHE C 63 -28.60 -14.67 27.80
C PHE C 63 -29.15 -15.55 28.92
N VAL C 64 -29.60 -14.95 30.03
CA VAL C 64 -30.08 -15.75 31.15
C VAL C 64 -31.43 -16.41 30.90
N ASP C 65 -32.12 -16.03 29.83
CA ASP C 65 -33.37 -16.70 29.46
C ASP C 65 -33.13 -18.12 28.95
N LEU C 66 -31.92 -18.42 28.50
CA LEU C 66 -31.59 -19.73 27.98
C LEU C 66 -31.35 -20.72 29.12
N THR C 67 -31.47 -22.00 28.81
CA THR C 67 -31.14 -23.03 29.79
C THR C 67 -29.66 -22.92 30.11
N SER C 68 -29.28 -23.46 31.28
CA SER C 68 -27.87 -23.40 31.66
C SER C 68 -27.00 -24.17 30.67
N HIS C 69 -27.51 -25.29 30.16
CA HIS C 69 -26.77 -26.06 29.16
C HIS C 69 -26.46 -25.22 27.93
N ASP C 70 -27.45 -24.49 27.42
CA ASP C 70 -27.24 -23.67 26.24
C ASP C 70 -26.30 -22.51 26.54
N GLN C 71 -26.41 -21.92 27.75
CA GLN C 71 -25.48 -20.87 28.14
C GLN C 71 -24.03 -21.36 28.13
N VAL C 72 -23.79 -22.58 28.62
CA VAL C 72 -22.42 -23.10 28.63
C VAL C 72 -21.90 -23.29 27.21
N HIS C 73 -22.71 -23.87 26.31
CA HIS C 73 -22.21 -24.07 24.95
C HIS C 73 -21.92 -22.77 24.25
N LEU C 74 -22.69 -21.72 24.51
CA LEU C 74 -22.34 -20.43 23.91
C LEU C 74 -20.98 -19.96 24.41
N LEU C 75 -20.78 -20.01 25.72
CA LEU C 75 -19.49 -19.61 26.29
C LEU C 75 -18.38 -20.52 25.81
N GLU C 76 -18.66 -21.81 25.73
CA GLU C 76 -17.63 -22.77 25.37
C GLU C 76 -17.12 -22.53 23.95
N CYS C 77 -18.00 -22.13 23.03
CA CYS C 77 -17.59 -21.87 21.67
C CYS C 77 -16.98 -20.48 21.49
N ALA C 78 -17.42 -19.50 22.28
CA ALA C 78 -17.07 -18.10 22.09
C ALA C 78 -15.95 -17.56 22.98
N TRP C 79 -15.55 -18.27 24.03
CA TRP C 79 -14.70 -17.62 25.03
C TRP C 79 -13.42 -17.06 24.42
N LEU C 80 -12.75 -17.81 23.56
CA LEU C 80 -11.46 -17.33 23.06
C LEU C 80 -11.65 -16.18 22.10
N GLU C 81 -12.72 -16.21 21.31
CA GLU C 81 -13.06 -15.07 20.47
C GLU C 81 -13.32 -13.82 21.29
N ILE C 82 -14.02 -13.95 22.42
CA ILE C 82 -14.31 -12.80 23.27
C ILE C 82 -13.04 -12.25 23.90
N LEU C 83 -12.15 -13.11 24.39
CA LEU C 83 -10.87 -12.63 24.92
C LEU C 83 -10.06 -11.93 23.83
N MET C 84 -10.12 -12.46 22.61
CA MET C 84 -9.31 -11.90 21.56
C MET C 84 -9.84 -10.55 21.10
N ILE C 85 -11.17 -10.37 21.05
CA ILE C 85 -11.69 -9.09 20.59
C ILE C 85 -11.47 -8.02 21.66
N GLY C 86 -11.57 -8.41 22.93
CA GLY C 86 -11.17 -7.51 23.99
C GLY C 86 -9.73 -7.07 23.85
N LEU C 87 -8.84 -8.02 23.53
CA LEU C 87 -7.44 -7.72 23.33
C LEU C 87 -7.24 -6.76 22.17
N VAL C 88 -7.97 -6.97 21.06
CA VAL C 88 -7.85 -6.11 19.89
C VAL C 88 -8.31 -4.70 20.23
N TRP C 89 -9.46 -4.57 20.90
CA TRP C 89 -9.93 -3.27 21.37
C TRP C 89 -8.88 -2.58 22.26
N ARG C 90 -8.36 -3.28 23.26
CA ARG C 90 -7.36 -2.68 24.15
C ARG C 90 -6.14 -2.19 23.38
N SER C 91 -5.89 -2.71 22.17
CA SER C 91 -4.63 -2.49 21.49
C SER C 91 -4.66 -1.47 20.36
N MET C 92 -5.83 -1.02 19.89
CA MET C 92 -5.96 -0.02 18.82
C MET C 92 -4.96 1.13 18.89
N GLU C 93 -5.20 2.03 19.81
CA GLU C 93 -4.22 2.84 20.51
C GLU C 93 -2.73 2.52 20.77
N HIS C 94 -2.31 1.36 20.39
CA HIS C 94 -0.93 0.97 20.51
C HIS C 94 -0.52 0.28 19.23
N PRO C 95 -0.41 1.02 18.13
CA PRO C 95 -0.09 0.37 16.85
C PRO C 95 1.19 -0.46 16.94
N GLY C 96 1.15 -1.66 16.34
CA GLY C 96 2.28 -2.57 16.33
C GLY C 96 2.46 -3.41 17.57
N LYS C 97 1.59 -3.29 18.57
CA LYS C 97 1.75 -4.02 19.82
C LYS C 97 0.39 -4.50 20.31
N LEU C 98 0.42 -5.47 21.23
CA LEU C 98 -0.77 -6.06 21.81
C LEU C 98 -0.76 -5.79 23.31
N LEU C 99 -1.79 -5.09 23.78
CA LEU C 99 -1.94 -4.73 25.18
C LEU C 99 -2.74 -5.83 25.86
N PHE C 100 -2.05 -6.90 26.28
CA PHE C 100 -2.73 -7.96 27.02
C PHE C 100 -3.24 -7.45 28.36
N ALA C 101 -2.47 -6.60 29.00
CA ALA C 101 -2.84 -5.95 30.25
C ALA C 101 -2.08 -4.65 30.37
N PRO C 102 -2.57 -3.71 31.18
CA PRO C 102 -1.85 -2.43 31.32
C PRO C 102 -0.36 -2.62 31.64
N ASN C 103 0.03 -3.72 32.29
CA ASN C 103 1.42 -3.98 32.59
C ASN C 103 2.01 -5.09 31.71
N LEU C 104 1.37 -5.42 30.59
CA LEU C 104 1.88 -6.48 29.71
C LEU C 104 1.59 -6.07 28.26
N LEU C 105 2.48 -5.29 27.69
CA LEU C 105 2.35 -4.77 26.34
C LEU C 105 3.46 -5.43 25.52
N LEU C 106 3.07 -6.30 24.59
CA LEU C 106 4.02 -7.13 23.86
C LEU C 106 4.13 -6.67 22.42
N ASP C 107 5.36 -6.49 21.93
CA ASP C 107 5.60 -6.18 20.53
C ASP C 107 5.77 -7.49 19.77
N ARG C 108 6.07 -7.38 18.48
CA ARG C 108 5.94 -8.53 17.60
C ARG C 108 7.03 -9.59 17.81
N ASN C 109 8.28 -9.22 18.17
CA ASN C 109 9.19 -10.30 18.60
C ASN C 109 8.61 -11.20 19.67
N GLN C 110 8.10 -10.60 20.74
CA GLN C 110 7.76 -11.43 21.89
C GLN C 110 6.78 -12.51 21.50
N GLY C 111 6.02 -12.31 20.40
CA GLY C 111 5.17 -13.36 19.91
C GLY C 111 5.94 -14.60 19.51
N LYS C 112 7.15 -14.42 18.97
CA LYS C 112 7.97 -15.54 18.55
C LYS C 112 8.40 -16.43 19.71
N CYS C 113 8.23 -15.99 20.96
CA CYS C 113 8.74 -16.76 22.08
C CYS C 113 8.04 -18.11 22.19
N VAL C 114 6.78 -18.20 21.80
CA VAL C 114 6.01 -19.43 21.81
C VAL C 114 5.88 -19.94 20.37
N GLU C 115 5.78 -21.27 20.23
CA GLU C 115 6.11 -21.91 18.96
C GLU C 115 5.27 -21.42 17.79
N GLY C 116 3.94 -21.39 17.93
CA GLY C 116 3.11 -20.98 16.81
C GLY C 116 2.47 -19.61 16.98
N MET C 117 2.82 -18.96 18.09
CA MET C 117 2.12 -17.75 18.50
C MET C 117 2.27 -16.60 17.51
N VAL C 118 3.40 -16.52 16.81
CA VAL C 118 3.68 -15.28 16.08
C VAL C 118 2.67 -15.07 14.97
N GLU C 119 2.25 -16.16 14.31
CA GLU C 119 1.26 -16.01 13.24
C GLU C 119 -0.03 -15.41 13.76
N ILE C 120 -0.48 -15.87 14.93
CA ILE C 120 -1.68 -15.32 15.50
C ILE C 120 -1.41 -13.92 15.99
N PHE C 121 -0.20 -13.63 16.49
CA PHE C 121 0.00 -12.22 16.79
C PHE C 121 -0.22 -11.33 15.59
N ASP C 122 0.33 -11.70 14.42
CA ASP C 122 0.18 -10.86 13.23
C ASP C 122 -1.29 -10.66 12.88
N MET C 123 -2.10 -11.71 13.07
CA MET C 123 -3.50 -11.62 12.74
C MET C 123 -4.23 -10.71 13.73
N LEU C 124 -3.88 -10.78 15.00
CA LEU C 124 -4.48 -9.90 15.98
C LEU C 124 -4.11 -8.45 15.71
N LEU C 125 -2.86 -8.21 15.33
CA LEU C 125 -2.42 -6.84 15.03
C LEU C 125 -3.12 -6.30 13.80
N ALA C 126 -3.31 -7.13 12.78
CA ALA C 126 -4.04 -6.72 11.59
C ALA C 126 -5.47 -6.32 11.95
N THR C 127 -6.12 -7.07 12.82
CA THR C 127 -7.48 -6.74 13.24
C THR C 127 -7.55 -5.40 13.98
N SER C 128 -6.59 -5.16 14.89
CA SER C 128 -6.56 -3.89 15.60
C SER C 128 -6.38 -2.73 14.64
N SER C 129 -5.48 -2.88 13.66
CA SER C 129 -5.32 -1.83 12.65
C SER C 129 -6.60 -1.61 11.85
N ARG C 130 -7.26 -2.69 11.42
CA ARG C 130 -8.55 -2.57 10.74
C ARG C 130 -9.55 -1.79 11.61
N PHE C 131 -9.73 -2.19 12.87
CA PHE C 131 -10.60 -1.43 13.77
C PHE C 131 -10.16 0.03 13.85
N ARG C 132 -8.85 0.27 13.99
CA ARG C 132 -8.36 1.65 14.10
C ARG C 132 -8.71 2.43 12.84
N MET C 133 -8.51 1.83 11.67
CA MET C 133 -8.82 2.53 10.43
C MET C 133 -10.32 2.74 10.26
N MET C 134 -11.13 1.81 10.74
CA MET C 134 -12.58 1.97 10.73
C MET C 134 -13.08 2.95 11.79
N ASN C 135 -12.21 3.38 12.71
CA ASN C 135 -12.62 4.19 13.86
C ASN C 135 -13.75 3.51 14.65
N LEU C 136 -13.55 2.24 14.95
CA LEU C 136 -14.52 1.50 15.72
C LEU C 136 -14.81 2.22 17.03
N GLN C 137 -16.09 2.38 17.35
CA GLN C 137 -16.52 3.10 18.54
C GLN C 137 -16.83 2.11 19.67
N GLY C 138 -16.66 2.59 20.90
CA GLY C 138 -16.87 1.74 22.06
C GLY C 138 -18.25 1.11 22.08
N GLU C 139 -19.29 1.88 21.73
CA GLU C 139 -20.64 1.34 21.68
C GLU C 139 -20.75 0.26 20.62
N GLU C 140 -20.07 0.41 19.48
CA GLU C 140 -20.10 -0.64 18.47
C GLU C 140 -19.40 -1.89 18.99
N PHE C 141 -18.26 -1.70 19.66
CA PHE C 141 -17.49 -2.82 20.15
C PHE C 141 -18.30 -3.71 21.10
N VAL C 142 -19.08 -3.12 22.00
CA VAL C 142 -19.83 -3.94 22.96
C VAL C 142 -20.95 -4.70 22.25
N CYS C 143 -21.53 -4.11 21.20
CA CYS C 143 -22.50 -4.85 20.40
C CYS C 143 -21.86 -6.04 19.71
N LEU C 144 -20.67 -5.85 19.15
CA LEU C 144 -19.98 -6.92 18.43
C LEU C 144 -19.58 -8.05 19.36
N LYS C 145 -19.13 -7.74 20.58
CA LYS C 145 -18.76 -8.78 21.54
C LYS C 145 -19.98 -9.59 21.96
N SER C 146 -21.14 -8.95 22.07
CA SER C 146 -22.36 -9.66 22.40
C SER C 146 -22.85 -10.51 21.23
N ILE C 147 -22.60 -10.07 20.00
CA ILE C 147 -22.96 -10.88 18.84
C ILE C 147 -22.14 -12.15 18.84
N ILE C 148 -20.83 -12.04 19.14
CA ILE C 148 -19.96 -13.22 19.21
C ILE C 148 -20.49 -14.23 20.22
N LEU C 149 -20.90 -13.75 21.39
CA LEU C 149 -21.40 -14.64 22.43
C LEU C 149 -22.61 -15.42 21.96
N LEU C 150 -23.57 -14.73 21.34
CA LEU C 150 -24.84 -15.34 20.99
C LEU C 150 -24.78 -16.10 19.67
N ASN C 151 -23.85 -15.76 18.78
CA ASN C 151 -23.84 -16.35 17.45
C ASN C 151 -22.91 -17.55 17.34
N SER C 152 -21.79 -17.54 18.07
CA SER C 152 -20.74 -18.51 17.77
C SER C 152 -21.19 -19.95 18.01
N GLY C 153 -22.04 -20.19 19.02
CA GLY C 153 -22.50 -21.53 19.34
C GLY C 153 -23.95 -21.82 19.00
N VAL C 154 -24.67 -20.89 18.37
CA VAL C 154 -26.10 -21.10 18.19
C VAL C 154 -26.38 -22.17 17.14
N TYR C 155 -25.57 -22.22 16.07
CA TYR C 155 -25.78 -23.20 15.02
C TYR C 155 -25.49 -24.63 15.48
N THR C 156 -24.97 -24.81 16.70
CA THR C 156 -24.66 -26.12 17.24
C THR C 156 -25.58 -26.51 18.40
N PHE C 157 -26.75 -25.89 18.49
CA PHE C 157 -27.77 -26.35 19.42
C PHE C 157 -28.37 -27.66 18.92
N SER C 160 -35.33 -33.18 17.70
CA SER C 160 -34.98 -32.10 18.62
C SER C 160 -36.35 -31.66 19.08
N THR C 161 -36.43 -30.84 20.12
CA THR C 161 -37.72 -30.50 20.70
C THR C 161 -38.16 -29.09 20.29
N LEU C 162 -39.43 -28.80 20.57
CA LEU C 162 -39.92 -27.44 20.46
C LEU C 162 -39.01 -26.50 21.24
N LYS C 163 -38.62 -26.89 22.46
CA LYS C 163 -37.82 -26.02 23.30
C LYS C 163 -36.52 -25.61 22.61
N SER C 164 -35.89 -26.54 21.89
CA SER C 164 -34.69 -26.19 21.13
C SER C 164 -35.00 -25.11 20.10
N LEU C 165 -36.06 -25.30 19.32
CA LEU C 165 -36.47 -24.27 18.36
C LEU C 165 -36.71 -22.94 19.04
N GLU C 166 -37.47 -22.95 20.13
CA GLU C 166 -37.68 -21.71 20.89
C GLU C 166 -36.36 -21.11 21.35
N GLU C 167 -35.43 -21.94 21.81
CA GLU C 167 -34.14 -21.40 22.24
C GLU C 167 -33.39 -20.72 21.09
N LYS C 168 -33.29 -21.40 19.93
CA LYS C 168 -32.62 -20.76 18.81
C LYS C 168 -33.39 -19.54 18.32
N ASP C 169 -34.72 -19.65 18.24
CA ASP C 169 -35.51 -18.51 17.79
C ASP C 169 -35.25 -17.30 18.68
N HIS C 170 -35.23 -17.52 20.00
CA HIS C 170 -34.90 -16.46 20.95
C HIS C 170 -33.56 -15.80 20.63
N ILE C 171 -32.52 -16.60 20.42
CA ILE C 171 -31.21 -16.05 20.12
C ILE C 171 -31.25 -15.21 18.85
N HIS C 172 -31.95 -15.69 17.81
CA HIS C 172 -31.99 -14.93 16.57
C HIS C 172 -32.76 -13.64 16.74
N ARG C 173 -33.77 -13.63 17.63
CA ARG C 173 -34.49 -12.39 17.90
C ARG C 173 -33.63 -11.38 18.65
N VAL C 174 -32.80 -11.84 19.59
CA VAL C 174 -31.90 -10.93 20.29
C VAL C 174 -30.84 -10.41 19.34
N LEU C 175 -30.29 -11.29 18.48
CA LEU C 175 -29.30 -10.88 17.48
C LEU C 175 -29.87 -9.83 16.54
N ASP C 176 -31.15 -9.96 16.15
CA ASP C 176 -31.79 -8.90 15.35
C ASP C 176 -31.85 -7.58 16.13
N LYS C 177 -32.15 -7.66 17.43
CA LYS C 177 -32.19 -6.43 18.22
C LYS C 177 -30.83 -5.77 18.30
N ILE C 178 -29.76 -6.56 18.40
CA ILE C 178 -28.42 -5.98 18.43
C ILE C 178 -28.08 -5.39 17.06
N THR C 179 -28.51 -6.05 15.98
CA THR C 179 -28.37 -5.44 14.66
C THR C 179 -29.09 -4.09 14.61
N ASP C 180 -30.35 -4.04 15.05
CA ASP C 180 -31.07 -2.76 15.09
C ASP C 180 -30.31 -1.75 15.91
N THR C 181 -29.70 -2.20 17.01
CA THR C 181 -28.97 -1.28 17.88
C THR C 181 -27.74 -0.74 17.17
N LEU C 182 -27.01 -1.61 16.46
CA LEU C 182 -25.83 -1.17 15.71
C LEU C 182 -26.23 -0.15 14.66
N ILE C 183 -27.28 -0.45 13.90
CA ILE C 183 -27.74 0.47 12.88
C ILE C 183 -28.12 1.81 13.48
N HIS C 184 -28.86 1.78 14.60
CA HIS C 184 -29.31 3.03 15.24
C HIS C 184 -28.14 3.91 15.65
N LEU C 185 -27.10 3.31 16.22
CA LEU C 185 -25.90 4.05 16.58
C LEU C 185 -25.26 4.68 15.35
N MET C 186 -25.31 3.99 14.21
CA MET C 186 -24.70 4.53 13.00
C MET C 186 -25.54 5.67 12.42
N ALA C 187 -26.86 5.47 12.35
CA ALA C 187 -27.75 6.56 11.92
C ALA C 187 -27.52 7.80 12.76
N LYS C 188 -27.56 7.60 14.07
CA LYS C 188 -27.59 8.68 15.04
C LYS C 188 -26.31 9.55 14.90
N ALA C 189 -25.24 8.95 14.36
CA ALA C 189 -23.92 9.55 14.17
C ALA C 189 -23.78 10.28 12.85
N GLY C 190 -24.71 10.12 11.92
CA GLY C 190 -24.68 10.88 10.68
C GLY C 190 -24.53 10.05 9.41
N LEU C 191 -24.50 8.73 9.47
CA LEU C 191 -24.26 7.91 8.30
C LEU C 191 -25.55 7.75 7.48
N THR C 192 -25.42 7.82 6.17
CA THR C 192 -26.55 7.50 5.29
C THR C 192 -26.90 6.02 5.42
N LEU C 193 -28.12 5.69 5.01
CA LEU C 193 -28.51 4.31 4.70
C LEU C 193 -27.41 3.48 4.06
N GLN C 194 -26.87 3.95 2.93
CA GLN C 194 -25.86 3.16 2.24
C GLN C 194 -24.67 2.92 3.17
N GLN C 195 -24.19 3.96 3.84
CA GLN C 195 -23.04 3.82 4.72
C GLN C 195 -23.34 2.94 5.91
N GLN C 196 -24.58 2.97 6.41
CA GLN C 196 -24.94 2.15 7.55
C GLN C 196 -24.87 0.67 7.21
N HIS C 197 -25.45 0.28 6.07
CA HIS C 197 -25.45 -1.12 5.67
C HIS C 197 -24.03 -1.58 5.38
N GLN C 198 -23.24 -0.72 4.75
CA GLN C 198 -21.87 -1.09 4.42
C GLN C 198 -21.04 -1.28 5.67
N ARG C 199 -21.16 -0.38 6.64
CA ARG C 199 -20.39 -0.48 7.86
C ARG C 199 -20.86 -1.67 8.68
N LEU C 200 -22.17 -1.92 8.74
CA LEU C 200 -22.61 -3.13 9.43
C LEU C 200 -21.98 -4.37 8.82
N ALA C 201 -21.93 -4.46 7.49
CA ALA C 201 -21.33 -5.64 6.86
C ALA C 201 -19.84 -5.72 7.14
N GLN C 202 -19.13 -4.60 7.07
CA GLN C 202 -17.70 -4.61 7.32
C GLN C 202 -17.39 -5.14 8.72
N LEU C 203 -18.18 -4.73 9.72
CA LEU C 203 -17.95 -5.17 11.09
C LEU C 203 -18.27 -6.65 11.27
N LEU C 204 -19.41 -7.10 10.72
CA LEU C 204 -19.79 -8.50 10.80
C LEU C 204 -18.84 -9.41 10.03
N LEU C 205 -18.27 -8.92 8.94
CA LEU C 205 -17.29 -9.73 8.22
C LEU C 205 -15.97 -9.86 8.98
N ILE C 206 -15.60 -8.88 9.81
CA ILE C 206 -14.39 -9.04 10.64
C ILE C 206 -14.62 -10.15 11.66
N LEU C 207 -15.86 -10.37 12.07
CA LEU C 207 -16.12 -11.44 13.03
C LEU C 207 -15.76 -12.80 12.49
N SER C 208 -15.79 -12.98 11.16
CA SER C 208 -15.34 -14.24 10.60
C SER C 208 -13.84 -14.41 10.74
N HIS C 209 -13.08 -13.31 10.66
CA HIS C 209 -11.64 -13.38 10.88
C HIS C 209 -11.31 -13.65 12.35
N ILE C 210 -12.07 -13.07 13.28
CA ILE C 210 -11.90 -13.38 14.70
C ILE C 210 -12.16 -14.86 14.96
N ARG C 211 -13.20 -15.42 14.33
CA ARG C 211 -13.44 -16.87 14.38
C ARG C 211 -12.23 -17.65 13.88
N HIS C 212 -11.68 -17.24 12.73
CA HIS C 212 -10.49 -17.89 12.19
C HIS C 212 -9.37 -17.87 13.20
N MET C 213 -9.10 -16.69 13.79
CA MET C 213 -7.98 -16.53 14.70
C MET C 213 -8.17 -17.44 15.91
N SER C 214 -9.40 -17.54 16.42
CA SER C 214 -9.68 -18.39 17.56
C SER C 214 -9.45 -19.85 17.22
N ASN C 215 -9.90 -20.27 16.03
CA ASN C 215 -9.69 -21.65 15.59
C ASN C 215 -8.21 -21.96 15.47
N LYS C 216 -7.44 -21.04 14.87
CA LYS C 216 -6.02 -21.25 14.70
C LYS C 216 -5.30 -21.36 16.03
N GLY C 217 -5.64 -20.48 16.98
CA GLY C 217 -5.12 -20.56 18.32
C GLY C 217 -5.32 -21.95 18.91
N MET C 218 -6.57 -22.41 18.95
CA MET C 218 -6.87 -23.76 19.39
C MET C 218 -5.96 -24.78 18.69
N GLU C 219 -5.96 -24.77 17.36
CA GLU C 219 -5.23 -25.81 16.64
C GLU C 219 -3.76 -25.83 17.05
N HIS C 220 -3.14 -24.65 17.10
CA HIS C 220 -1.73 -24.59 17.50
C HIS C 220 -1.55 -25.11 18.92
N LEU C 221 -2.46 -24.76 19.83
CA LEU C 221 -2.43 -25.34 21.18
C LEU C 221 -2.51 -26.86 21.13
N TYR C 222 -3.39 -27.39 20.30
CA TYR C 222 -3.57 -28.84 20.17
C TYR C 222 -2.25 -29.55 19.89
N VAL C 229 -6.01 -26.41 30.00
CA VAL C 229 -6.00 -24.96 29.92
C VAL C 229 -7.31 -24.44 29.33
N VAL C 230 -7.93 -25.23 28.47
CA VAL C 230 -9.24 -24.86 27.92
C VAL C 230 -10.31 -25.04 29.00
N PRO C 231 -11.15 -24.04 29.27
CA PRO C 231 -12.13 -24.20 30.35
C PRO C 231 -13.13 -25.30 30.04
N SER C 232 -13.38 -26.16 31.03
CA SER C 232 -14.22 -27.32 30.84
C SER C 232 -15.69 -26.92 30.93
N TYR C 233 -16.55 -27.81 30.45
CA TYR C 233 -17.98 -27.63 30.60
C TYR C 233 -18.34 -27.46 32.08
N ASP C 234 -17.80 -28.34 32.93
CA ASP C 234 -18.11 -28.31 34.35
C ASP C 234 -17.66 -27.00 34.98
N LEU C 235 -16.43 -26.57 34.68
CA LEU C 235 -15.97 -25.28 35.18
C LEU C 235 -16.93 -24.17 34.77
N LEU C 236 -17.17 -24.03 33.46
CA LEU C 236 -18.07 -22.99 32.98
C LEU C 236 -19.41 -23.11 33.67
N LEU C 237 -19.92 -24.32 33.81
CA LEU C 237 -21.25 -24.51 34.36
C LEU C 237 -21.30 -24.06 35.80
N GLU C 238 -20.29 -24.40 36.60
CA GLU C 238 -20.32 -24.04 38.01
C GLU C 238 -20.28 -22.53 38.19
N MET C 239 -19.41 -21.85 37.44
CA MET C 239 -19.34 -20.40 37.54
C MET C 239 -20.65 -19.73 37.15
N LEU C 240 -21.35 -20.31 36.16
CA LEU C 240 -22.64 -19.77 35.75
C LEU C 240 -23.67 -19.89 36.87
N ASP C 241 -23.62 -21.00 37.62
CA ASP C 241 -24.51 -21.15 38.77
C ASP C 241 -24.06 -20.30 39.96
N ALA C 242 -22.76 -20.03 40.08
CA ALA C 242 -22.24 -19.19 41.17
C ALA C 242 -22.76 -17.77 41.04
N SER D 1 -12.07 0.64 -11.97
CA SER D 1 -12.55 -0.74 -12.00
C SER D 1 -14.01 -0.80 -12.45
N LEU D 2 -14.28 -1.66 -13.43
CA LEU D 2 -15.63 -1.78 -13.96
C LEU D 2 -16.58 -2.39 -12.95
N ALA D 3 -16.06 -3.22 -12.04
CA ALA D 3 -16.90 -3.82 -11.02
C ALA D 3 -17.54 -2.77 -10.13
N LEU D 4 -16.82 -1.68 -9.85
CA LEU D 4 -17.37 -0.62 -9.00
C LEU D 4 -18.49 0.16 -9.68
N SER D 5 -18.65 0.03 -10.99
CA SER D 5 -19.67 0.77 -11.73
C SER D 5 -20.93 -0.06 -11.98
N LEU D 6 -20.94 -1.32 -11.57
CA LEU D 6 -22.10 -2.16 -11.82
C LEU D 6 -23.24 -1.80 -10.84
N THR D 7 -24.46 -1.93 -11.33
CA THR D 7 -25.62 -1.89 -10.45
C THR D 7 -25.80 -3.24 -9.78
N ALA D 8 -26.66 -3.28 -8.77
CA ALA D 8 -26.99 -4.55 -8.12
C ALA D 8 -27.46 -5.58 -9.13
N ASP D 9 -28.31 -5.17 -10.07
CA ASP D 9 -28.86 -6.12 -11.02
C ASP D 9 -27.78 -6.71 -11.91
N GLN D 10 -26.85 -5.89 -12.38
CA GLN D 10 -25.76 -6.37 -13.22
C GLN D 10 -24.79 -7.23 -12.43
N MET D 11 -24.55 -6.90 -11.16
CA MET D 11 -23.67 -7.73 -10.33
C MET D 11 -24.25 -9.12 -10.17
N VAL D 12 -25.54 -9.22 -9.86
CA VAL D 12 -26.18 -10.52 -9.70
C VAL D 12 -26.18 -11.29 -11.02
N SER D 13 -26.45 -10.59 -12.12
CA SER D 13 -26.43 -11.23 -13.43
C SER D 13 -25.06 -11.82 -13.72
N ALA D 14 -24.00 -11.05 -13.50
CA ALA D 14 -22.64 -11.55 -13.76
C ALA D 14 -22.35 -12.76 -12.89
N LEU D 15 -22.79 -12.73 -11.64
CA LEU D 15 -22.50 -13.82 -10.72
C LEU D 15 -23.32 -15.05 -11.08
N LEU D 16 -24.59 -14.86 -11.41
CA LEU D 16 -25.43 -15.99 -11.78
C LEU D 16 -24.92 -16.63 -13.05
N ASP D 17 -24.41 -15.82 -13.97
CA ASP D 17 -23.94 -16.36 -15.24
C ASP D 17 -22.59 -17.07 -15.13
N ALA D 18 -21.83 -16.81 -14.09
CA ALA D 18 -20.56 -17.49 -13.88
C ALA D 18 -20.68 -18.72 -12.98
N GLU D 19 -21.88 -19.08 -12.56
CA GLU D 19 -22.03 -20.20 -11.64
C GLU D 19 -21.49 -21.48 -12.26
N PRO D 20 -20.61 -22.21 -11.58
CA PRO D 20 -20.13 -23.48 -12.12
C PRO D 20 -21.26 -24.48 -12.20
N PRO D 21 -21.10 -25.53 -13.01
CA PRO D 21 -22.14 -26.56 -13.07
C PRO D 21 -22.12 -27.45 -11.83
N ILE D 22 -23.23 -28.15 -11.62
CA ILE D 22 -23.30 -29.16 -10.57
C ILE D 22 -22.68 -30.44 -11.11
N LEU D 23 -21.55 -30.85 -10.56
CA LEU D 23 -20.82 -32.00 -11.05
C LEU D 23 -21.33 -33.29 -10.43
N TYR D 24 -21.06 -34.40 -11.10
CA TYR D 24 -21.44 -35.73 -10.66
C TYR D 24 -20.24 -36.45 -10.08
N SER D 25 -20.51 -37.33 -9.11
CA SER D 25 -19.50 -38.28 -8.65
C SER D 25 -19.25 -39.33 -9.72
N GLU D 26 -18.01 -39.84 -9.76
CA GLU D 26 -17.65 -40.81 -10.78
C GLU D 26 -18.05 -42.23 -10.42
N TYR D 27 -18.17 -42.55 -9.12
CA TYR D 27 -18.64 -43.88 -8.74
C TYR D 27 -20.15 -43.91 -8.57
N ASP D 28 -20.69 -42.93 -7.84
CA ASP D 28 -22.12 -42.87 -7.56
C ASP D 28 -22.97 -43.07 -8.80
N SER D 37 -14.56 -46.29 0.02
CA SER D 37 -14.34 -45.50 -1.18
C SER D 37 -15.02 -44.13 -1.07
N MET D 38 -15.59 -43.82 0.09
CA MET D 38 -16.24 -42.54 0.27
C MET D 38 -15.26 -41.39 0.11
N MET D 39 -14.10 -41.49 0.74
CA MET D 39 -13.12 -40.42 0.65
C MET D 39 -12.59 -40.27 -0.77
N GLY D 40 -12.33 -41.37 -1.47
CA GLY D 40 -11.90 -41.28 -2.85
C GLY D 40 -12.92 -40.56 -3.73
N LEU D 41 -14.20 -40.85 -3.53
CA LEU D 41 -15.25 -40.20 -4.29
C LEU D 41 -15.34 -38.71 -3.97
N LEU D 42 -15.23 -38.36 -2.69
CA LEU D 42 -15.29 -36.94 -2.34
C LEU D 42 -14.05 -36.21 -2.84
N THR D 43 -12.88 -36.84 -2.76
CA THR D 43 -11.67 -36.18 -3.23
C THR D 43 -11.72 -35.98 -4.74
N ASN D 44 -12.15 -37.01 -5.48
CA ASN D 44 -12.27 -36.91 -6.93
C ASN D 44 -13.27 -35.83 -7.34
N LEU D 45 -14.38 -35.69 -6.60
CA LEU D 45 -15.36 -34.65 -6.87
C LEU D 45 -14.79 -33.26 -6.58
N ALA D 46 -14.13 -33.10 -5.42
CA ALA D 46 -13.56 -31.82 -5.06
C ALA D 46 -12.49 -31.39 -6.05
N ASP D 47 -11.65 -32.33 -6.49
CA ASP D 47 -10.61 -32.01 -7.47
C ASP D 47 -11.22 -31.43 -8.76
N ARG D 48 -12.27 -32.05 -9.26
CA ARG D 48 -12.92 -31.51 -10.45
C ARG D 48 -13.65 -30.21 -10.15
N GLU D 49 -14.22 -30.09 -8.95
CA GLU D 49 -14.88 -28.84 -8.58
C GLU D 49 -13.91 -27.67 -8.50
N LEU D 50 -12.67 -27.95 -8.07
CA LEU D 50 -11.69 -26.87 -7.90
C LEU D 50 -11.34 -26.23 -9.23
N VAL D 51 -11.30 -27.02 -10.29
CA VAL D 51 -10.96 -26.48 -11.61
C VAL D 51 -12.00 -25.46 -12.06
N HIS D 52 -13.29 -25.79 -11.85
CA HIS D 52 -14.36 -24.85 -12.13
C HIS D 52 -14.34 -23.64 -11.18
N MET D 53 -13.99 -23.85 -9.90
CA MET D 53 -13.95 -22.72 -8.96
C MET D 53 -12.96 -21.65 -9.41
N ILE D 54 -11.80 -22.07 -9.92
CA ILE D 54 -10.79 -21.10 -10.34
C ILE D 54 -11.32 -20.27 -11.49
N ASN D 55 -11.97 -20.93 -12.44
CA ASN D 55 -12.54 -20.19 -13.56
C ASN D 55 -13.75 -19.37 -13.13
N TRP D 56 -14.52 -19.86 -12.16
CA TRP D 56 -15.59 -19.03 -11.61
C TRP D 56 -15.01 -17.79 -10.92
N ALA D 57 -13.92 -17.97 -10.16
CA ALA D 57 -13.37 -16.84 -9.41
C ALA D 57 -12.87 -15.74 -10.34
N LYS D 58 -12.27 -16.12 -11.48
CA LYS D 58 -11.82 -15.12 -12.45
C LYS D 58 -12.99 -14.35 -13.05
N ARG D 59 -14.23 -14.80 -12.84
CA ARG D 59 -15.38 -14.09 -13.35
C ARG D 59 -16.11 -13.28 -12.27
N VAL D 60 -15.61 -13.29 -11.04
CA VAL D 60 -16.22 -12.49 -9.98
C VAL D 60 -15.80 -11.06 -10.20
N PRO D 61 -16.73 -10.11 -10.42
CA PRO D 61 -16.32 -8.74 -10.70
C PRO D 61 -15.36 -8.25 -9.64
N GLY D 62 -14.28 -7.61 -10.10
CA GLY D 62 -13.23 -7.11 -9.23
C GLY D 62 -12.07 -8.06 -8.99
N PHE D 63 -12.26 -9.38 -9.14
CA PHE D 63 -11.25 -10.34 -8.73
C PHE D 63 -10.01 -10.29 -9.63
N VAL D 64 -10.21 -10.15 -10.94
CA VAL D 64 -9.07 -10.15 -11.85
C VAL D 64 -8.36 -8.81 -11.87
N ASP D 65 -8.91 -7.78 -11.21
CA ASP D 65 -8.16 -6.55 -11.01
C ASP D 65 -6.99 -6.74 -10.06
N LEU D 66 -6.98 -7.82 -9.31
CA LEU D 66 -5.93 -8.07 -8.32
C LEU D 66 -4.74 -8.73 -8.99
N THR D 67 -3.59 -8.61 -8.34
CA THR D 67 -2.40 -9.33 -8.79
C THR D 67 -2.63 -10.83 -8.65
N SER D 68 -1.89 -11.60 -9.46
CA SER D 68 -2.00 -13.06 -9.37
C SER D 68 -1.70 -13.55 -7.96
N HIS D 69 -0.68 -12.98 -7.31
CA HIS D 69 -0.35 -13.42 -5.96
C HIS D 69 -1.53 -13.24 -5.02
N ASP D 70 -2.18 -12.07 -5.08
CA ASP D 70 -3.33 -11.83 -4.21
C ASP D 70 -4.51 -12.70 -4.60
N GLN D 71 -4.68 -13.00 -5.88
CA GLN D 71 -5.77 -13.88 -6.28
C GLN D 71 -5.58 -15.28 -5.69
N VAL D 72 -4.34 -15.77 -5.70
CA VAL D 72 -4.06 -17.09 -5.15
C VAL D 72 -4.24 -17.09 -3.64
N HIS D 73 -3.80 -16.03 -2.97
CA HIS D 73 -3.98 -15.97 -1.52
C HIS D 73 -5.46 -16.06 -1.15
N LEU D 74 -6.32 -15.31 -1.85
CA LEU D 74 -7.76 -15.39 -1.55
C LEU D 74 -8.30 -16.80 -1.78
N LEU D 75 -7.89 -17.43 -2.89
CA LEU D 75 -8.40 -18.77 -3.17
C LEU D 75 -7.84 -19.77 -2.17
N GLU D 76 -6.58 -19.62 -1.81
CA GLU D 76 -6.00 -20.53 -0.83
C GLU D 76 -6.79 -20.50 0.46
N CYS D 77 -7.22 -19.30 0.88
CA CYS D 77 -7.92 -19.16 2.14
C CYS D 77 -9.39 -19.56 2.05
N ALA D 78 -10.01 -19.51 0.86
CA ALA D 78 -11.45 -19.66 0.76
C ALA D 78 -11.92 -20.96 0.11
N TRP D 79 -11.05 -21.77 -0.46
CA TRP D 79 -11.52 -22.83 -1.35
C TRP D 79 -12.45 -23.81 -0.63
N LEU D 80 -12.12 -24.23 0.59
CA LEU D 80 -12.98 -25.21 1.24
C LEU D 80 -14.29 -24.59 1.72
N GLU D 81 -14.26 -23.35 2.22
CA GLU D 81 -15.51 -22.66 2.54
C GLU D 81 -16.40 -22.56 1.31
N ILE D 82 -15.82 -22.37 0.13
CA ILE D 82 -16.62 -22.24 -1.08
C ILE D 82 -17.24 -23.58 -1.47
N LEU D 83 -16.44 -24.65 -1.42
CA LEU D 83 -17.00 -25.97 -1.65
C LEU D 83 -18.10 -26.27 -0.65
N MET D 84 -17.90 -25.86 0.61
CA MET D 84 -18.88 -26.17 1.64
C MET D 84 -20.16 -25.38 1.43
N ILE D 85 -20.07 -24.11 1.00
CA ILE D 85 -21.31 -23.35 0.86
C ILE D 85 -22.09 -23.87 -0.34
N GLY D 86 -21.41 -24.31 -1.40
CA GLY D 86 -22.12 -24.92 -2.49
C GLY D 86 -22.82 -26.19 -2.06
N LEU D 87 -22.14 -27.00 -1.25
CA LEU D 87 -22.72 -28.23 -0.74
C LEU D 87 -23.97 -27.95 0.06
N VAL D 88 -23.91 -26.97 0.95
CA VAL D 88 -25.06 -26.65 1.79
C VAL D 88 -26.21 -26.12 0.93
N TRP D 89 -25.89 -25.32 -0.10
CA TRP D 89 -26.91 -24.83 -1.03
C TRP D 89 -27.59 -26.00 -1.75
N ARG D 90 -26.79 -26.95 -2.24
CA ARG D 90 -27.37 -28.10 -2.95
C ARG D 90 -28.26 -28.94 -2.02
N SER D 91 -27.91 -29.03 -0.74
CA SER D 91 -28.51 -30.00 0.18
C SER D 91 -29.76 -29.46 0.83
N MET D 92 -30.01 -28.18 0.57
CA MET D 92 -31.08 -27.46 1.28
C MET D 92 -32.44 -28.09 1.11
N GLU D 93 -32.74 -28.65 -0.06
CA GLU D 93 -34.03 -29.28 -0.30
C GLU D 93 -34.08 -30.75 0.13
N HIS D 94 -33.11 -31.19 0.95
CA HIS D 94 -33.04 -32.57 1.41
C HIS D 94 -32.74 -32.57 2.90
N PRO D 95 -33.75 -32.30 3.73
CA PRO D 95 -33.51 -32.24 5.17
C PRO D 95 -32.88 -33.52 5.69
N GLY D 96 -31.85 -33.36 6.52
CA GLY D 96 -31.14 -34.50 7.04
C GLY D 96 -30.16 -35.15 6.10
N LYS D 97 -29.95 -34.61 4.90
CA LYS D 97 -29.03 -35.23 3.96
C LYS D 97 -28.16 -34.17 3.30
N LEU D 98 -26.97 -34.60 2.86
CA LEU D 98 -26.02 -33.76 2.16
C LEU D 98 -25.87 -34.30 0.74
N LEU D 99 -26.21 -33.46 -0.23
CA LEU D 99 -26.17 -33.82 -1.65
C LEU D 99 -24.82 -33.37 -2.20
N PHE D 100 -23.81 -34.20 -1.95
CA PHE D 100 -22.49 -33.91 -2.51
C PHE D 100 -22.56 -33.85 -4.03
N ALA D 101 -23.33 -34.75 -4.64
CA ALA D 101 -23.60 -34.74 -6.07
C ALA D 101 -24.97 -35.32 -6.30
N PRO D 102 -25.56 -35.09 -7.47
CA PRO D 102 -26.90 -35.65 -7.73
C PRO D 102 -26.97 -37.15 -7.55
N ASN D 103 -25.86 -37.86 -7.72
CA ASN D 103 -25.81 -39.31 -7.57
C ASN D 103 -25.13 -39.71 -6.27
N LEU D 104 -24.86 -38.76 -5.37
CA LEU D 104 -24.14 -39.03 -4.12
C LEU D 104 -24.82 -38.22 -3.02
N LEU D 105 -25.93 -38.74 -2.52
CA LEU D 105 -26.70 -38.11 -1.46
C LEU D 105 -26.48 -38.92 -0.19
N LEU D 106 -25.76 -38.34 0.77
CA LEU D 106 -25.39 -39.04 1.99
C LEU D 106 -26.21 -38.52 3.17
N ASP D 107 -26.52 -39.44 4.07
CA ASP D 107 -27.17 -39.08 5.32
C ASP D 107 -26.15 -39.16 6.44
N ARG D 108 -26.65 -38.93 7.65
CA ARG D 108 -25.77 -38.59 8.75
C ARG D 108 -24.85 -39.78 9.08
N ASN D 109 -25.38 -41.01 8.97
CA ASN D 109 -24.62 -42.20 9.31
C ASN D 109 -23.55 -42.57 8.28
N GLN D 110 -23.68 -42.10 7.04
CA GLN D 110 -22.64 -42.30 6.06
C GLN D 110 -21.44 -41.38 6.31
N GLY D 111 -21.63 -40.30 7.05
CA GLY D 111 -20.50 -39.48 7.43
C GLY D 111 -19.60 -40.15 8.44
N LYS D 112 -20.16 -41.04 9.27
CA LYS D 112 -19.42 -41.63 10.38
C LYS D 112 -18.25 -42.49 9.92
N CYS D 113 -18.21 -42.84 8.64
CA CYS D 113 -17.15 -43.70 8.12
C CYS D 113 -15.77 -43.07 8.32
N VAL D 114 -15.64 -41.79 8.01
CA VAL D 114 -14.40 -41.08 8.25
C VAL D 114 -14.40 -40.63 9.71
N GLU D 115 -13.26 -40.83 10.38
CA GLU D 115 -13.22 -40.78 11.84
C GLU D 115 -13.72 -39.44 12.37
N GLY D 116 -13.23 -38.34 11.81
CA GLY D 116 -13.65 -37.03 12.26
C GLY D 116 -14.62 -36.36 11.33
N MET D 117 -15.27 -37.15 10.47
CA MET D 117 -16.15 -36.59 9.45
C MET D 117 -17.49 -36.17 10.03
N VAL D 118 -17.98 -36.88 11.04
CA VAL D 118 -19.37 -36.71 11.48
C VAL D 118 -19.59 -35.36 12.16
N GLU D 119 -18.65 -34.88 12.97
CA GLU D 119 -18.86 -33.59 13.62
C GLU D 119 -19.14 -32.51 12.57
N ILE D 120 -18.40 -32.53 11.46
CA ILE D 120 -18.55 -31.51 10.43
C ILE D 120 -19.86 -31.73 9.69
N PHE D 121 -20.22 -32.99 9.49
CA PHE D 121 -21.46 -33.35 8.81
C PHE D 121 -22.64 -32.62 9.44
N ASP D 122 -22.70 -32.66 10.77
CA ASP D 122 -23.79 -32.07 11.52
C ASP D 122 -23.80 -30.57 11.38
N MET D 123 -22.63 -29.93 11.47
CA MET D 123 -22.58 -28.48 11.26
C MET D 123 -23.08 -28.12 9.86
N LEU D 124 -22.73 -28.93 8.87
CA LEU D 124 -23.20 -28.65 7.50
C LEU D 124 -24.71 -28.78 7.42
N LEU D 125 -25.28 -29.79 8.06
CA LEU D 125 -26.73 -29.94 8.10
C LEU D 125 -27.39 -28.77 8.80
N ALA D 126 -26.80 -28.30 9.91
CA ALA D 126 -27.35 -27.13 10.58
C ALA D 126 -27.34 -25.92 9.68
N THR D 127 -26.27 -25.74 8.90
CA THR D 127 -26.21 -24.60 7.98
C THR D 127 -27.30 -24.71 6.92
N SER D 128 -27.43 -25.89 6.30
CA SER D 128 -28.49 -26.09 5.32
C SER D 128 -29.87 -25.84 5.92
N SER D 129 -30.10 -26.30 7.15
CA SER D 129 -31.35 -26.02 7.85
C SER D 129 -31.56 -24.53 8.05
N ARG D 130 -30.51 -23.81 8.44
CA ARG D 130 -30.60 -22.36 8.58
C ARG D 130 -30.96 -21.70 7.27
N PHE D 131 -30.31 -22.10 6.17
CA PHE D 131 -30.66 -21.52 4.87
C PHE D 131 -32.11 -21.82 4.48
N ARG D 132 -32.56 -23.06 4.73
CA ARG D 132 -33.97 -23.40 4.49
C ARG D 132 -34.90 -22.54 5.36
N MET D 133 -34.63 -22.49 6.65
CA MET D 133 -35.31 -21.57 7.56
C MET D 133 -35.52 -20.19 6.95
N MET D 134 -34.45 -19.64 6.41
CA MET D 134 -34.42 -18.25 5.99
C MET D 134 -34.91 -18.05 4.56
N ASN D 135 -35.23 -19.14 3.84
CA ASN D 135 -35.65 -19.05 2.44
C ASN D 135 -34.56 -18.40 1.58
N LEU D 136 -33.32 -18.75 1.86
CA LEU D 136 -32.20 -18.22 1.06
C LEU D 136 -32.49 -18.38 -0.43
N GLN D 137 -32.31 -17.28 -1.16
CA GLN D 137 -32.56 -17.24 -2.59
C GLN D 137 -31.26 -17.36 -3.36
N GLY D 138 -31.35 -17.93 -4.57
CA GLY D 138 -30.16 -18.17 -5.38
C GLY D 138 -29.35 -16.91 -5.66
N GLU D 139 -30.02 -15.78 -5.85
CA GLU D 139 -29.31 -14.52 -6.01
C GLU D 139 -28.54 -14.14 -4.74
N GLU D 140 -29.09 -14.43 -3.56
CA GLU D 140 -28.39 -14.16 -2.32
C GLU D 140 -27.21 -15.11 -2.17
N PHE D 141 -27.37 -16.36 -2.61
CA PHE D 141 -26.35 -17.38 -2.46
C PHE D 141 -25.08 -17.03 -3.24
N VAL D 142 -25.22 -16.61 -4.50
CA VAL D 142 -24.05 -16.25 -5.28
C VAL D 142 -23.35 -15.03 -4.69
N CYS D 143 -24.11 -14.07 -4.14
CA CYS D 143 -23.47 -12.94 -3.46
C CYS D 143 -22.65 -13.42 -2.28
N LEU D 144 -23.18 -14.39 -1.53
CA LEU D 144 -22.50 -14.85 -0.32
C LEU D 144 -21.24 -15.59 -0.68
N LYS D 145 -21.28 -16.40 -1.73
CA LYS D 145 -20.11 -17.15 -2.16
C LYS D 145 -18.99 -16.22 -2.63
N SER D 146 -19.33 -15.14 -3.34
CA SER D 146 -18.34 -14.15 -3.72
C SER D 146 -17.78 -13.39 -2.53
N ILE D 147 -18.60 -13.11 -1.51
CA ILE D 147 -18.09 -12.49 -0.30
C ILE D 147 -17.05 -13.39 0.36
N ILE D 148 -17.29 -14.70 0.38
CA ILE D 148 -16.33 -15.62 0.99
C ILE D 148 -15.00 -15.53 0.26
N LEU D 149 -15.05 -15.51 -1.07
CA LEU D 149 -13.82 -15.45 -1.86
C LEU D 149 -13.00 -14.21 -1.51
N LEU D 150 -13.65 -13.06 -1.43
CA LEU D 150 -12.92 -11.79 -1.29
C LEU D 150 -12.55 -11.54 0.16
N ASN D 151 -13.35 -12.04 1.10
CA ASN D 151 -13.17 -11.64 2.49
C ASN D 151 -12.30 -12.59 3.29
N SER D 152 -12.30 -13.88 2.97
CA SER D 152 -11.67 -14.84 3.87
C SER D 152 -10.18 -14.59 4.01
N GLY D 153 -9.52 -14.17 2.92
CA GLY D 153 -8.09 -13.95 2.92
C GLY D 153 -7.63 -12.51 3.00
N VAL D 154 -8.56 -11.55 3.07
CA VAL D 154 -8.18 -10.15 2.93
C VAL D 154 -7.39 -9.67 4.14
N TYR D 155 -7.60 -10.28 5.31
CA TYR D 155 -6.93 -9.82 6.53
C TYR D 155 -5.56 -10.47 6.74
N THR D 156 -5.13 -11.36 5.86
CA THR D 156 -3.85 -12.06 6.02
C THR D 156 -2.89 -11.81 4.86
N PHE D 157 -3.10 -10.75 4.10
CA PHE D 157 -2.10 -10.34 3.12
C PHE D 157 -0.81 -9.98 3.86
N LEU D 158 0.30 -10.58 3.44
CA LEU D 158 1.53 -10.46 4.22
C LEU D 158 2.22 -9.12 4.02
N SER D 159 2.10 -8.53 2.84
CA SER D 159 2.91 -7.38 2.49
C SER D 159 2.42 -6.11 3.18
N SER D 160 3.34 -5.15 3.29
CA SER D 160 3.04 -3.83 3.82
C SER D 160 3.11 -2.75 2.74
N THR D 161 3.34 -3.15 1.49
CA THR D 161 3.66 -2.21 0.44
C THR D 161 2.42 -1.42 -0.01
N LEU D 162 2.66 -0.39 -0.83
CA LEU D 162 1.57 0.42 -1.33
C LEU D 162 0.56 -0.39 -2.14
N LYS D 163 1.06 -1.23 -3.04
CA LYS D 163 0.16 -2.05 -3.85
C LYS D 163 -0.70 -2.96 -2.98
N SER D 164 -0.11 -3.52 -1.92
CA SER D 164 -0.90 -4.35 -1.01
C SER D 164 -2.01 -3.55 -0.36
N LEU D 165 -1.74 -2.28 -0.01
CA LEU D 165 -2.78 -1.43 0.57
C LEU D 165 -3.86 -1.10 -0.46
N GLU D 166 -3.43 -0.84 -1.70
CA GLU D 166 -4.37 -0.62 -2.80
C GLU D 166 -5.20 -1.85 -3.08
N GLU D 167 -4.59 -3.03 -3.01
CA GLU D 167 -5.36 -4.26 -3.24
C GLU D 167 -6.41 -4.46 -2.15
N LYS D 168 -6.02 -4.33 -0.88
CA LYS D 168 -7.01 -4.48 0.18
C LYS D 168 -8.10 -3.41 0.09
N ASP D 169 -7.75 -2.17 -0.25
CA ASP D 169 -8.79 -1.16 -0.43
C ASP D 169 -9.74 -1.55 -1.54
N HIS D 170 -9.21 -2.12 -2.63
CA HIS D 170 -10.07 -2.55 -3.73
C HIS D 170 -11.03 -3.63 -3.29
N ILE D 171 -10.53 -4.62 -2.56
CA ILE D 171 -11.39 -5.71 -2.11
C ILE D 171 -12.52 -5.18 -1.26
N HIS D 172 -12.23 -4.20 -0.39
CA HIS D 172 -13.27 -3.70 0.50
C HIS D 172 -14.33 -2.92 -0.27
N ARG D 173 -13.90 -2.17 -1.28
CA ARG D 173 -14.86 -1.47 -2.14
C ARG D 173 -15.74 -2.47 -2.89
N VAL D 174 -15.16 -3.56 -3.39
CA VAL D 174 -15.97 -4.57 -4.05
C VAL D 174 -16.92 -5.22 -3.06
N LEU D 175 -16.45 -5.46 -1.84
CA LEU D 175 -17.31 -6.05 -0.81
C LEU D 175 -18.47 -5.10 -0.49
N ASP D 176 -18.21 -3.79 -0.48
CA ASP D 176 -19.30 -2.83 -0.28
C ASP D 176 -20.32 -2.91 -1.40
N LYS D 177 -19.84 -3.13 -2.63
CA LYS D 177 -20.76 -3.27 -3.75
C LYS D 177 -21.64 -4.51 -3.57
N ILE D 178 -21.07 -5.60 -3.07
CA ILE D 178 -21.89 -6.81 -2.89
C ILE D 178 -22.91 -6.57 -1.77
N THR D 179 -22.50 -5.85 -0.72
CA THR D 179 -23.45 -5.47 0.32
C THR D 179 -24.60 -4.70 -0.28
N ASP D 180 -24.30 -3.64 -1.04
CA ASP D 180 -25.35 -2.91 -1.73
C ASP D 180 -26.24 -3.83 -2.56
N THR D 181 -25.62 -4.82 -3.23
CA THR D 181 -26.39 -5.72 -4.08
C THR D 181 -27.35 -6.54 -3.23
N LEU D 182 -26.86 -7.09 -2.12
CA LEU D 182 -27.71 -7.87 -1.23
C LEU D 182 -28.86 -7.02 -0.74
N ILE D 183 -28.59 -5.78 -0.34
CA ILE D 183 -29.64 -4.91 0.17
C ILE D 183 -30.65 -4.59 -0.92
N HIS D 184 -30.18 -4.34 -2.15
CA HIS D 184 -31.10 -4.04 -3.23
C HIS D 184 -32.00 -5.23 -3.52
N LEU D 185 -31.43 -6.44 -3.54
CA LEU D 185 -32.25 -7.62 -3.78
C LEU D 185 -33.37 -7.73 -2.77
N MET D 186 -33.08 -7.48 -1.49
CA MET D 186 -34.12 -7.58 -0.47
C MET D 186 -35.15 -6.47 -0.63
N ALA D 187 -34.71 -5.26 -0.98
CA ALA D 187 -35.64 -4.17 -1.22
C ALA D 187 -36.63 -4.54 -2.32
N LYS D 188 -36.12 -5.07 -3.45
CA LYS D 188 -37.02 -5.47 -4.52
C LYS D 188 -38.03 -6.50 -4.05
N ALA D 189 -37.61 -7.39 -3.14
CA ALA D 189 -38.48 -8.46 -2.67
C ALA D 189 -39.52 -7.99 -1.65
N GLY D 190 -39.54 -6.70 -1.33
CA GLY D 190 -40.57 -6.17 -0.46
C GLY D 190 -40.19 -6.09 1.01
N LEU D 191 -38.94 -6.32 1.36
CA LEU D 191 -38.53 -6.20 2.75
C LEU D 191 -38.44 -4.73 3.17
N THR D 192 -38.93 -4.43 4.36
CA THR D 192 -38.73 -3.13 4.98
C THR D 192 -37.26 -2.91 5.31
N LEU D 193 -36.89 -1.65 5.54
CA LEU D 193 -35.46 -1.38 5.75
C LEU D 193 -34.97 -2.09 7.00
N GLN D 194 -35.82 -2.17 8.04
CA GLN D 194 -35.41 -2.91 9.23
C GLN D 194 -35.22 -4.38 8.91
N GLN D 195 -36.11 -4.97 8.11
CA GLN D 195 -35.94 -6.34 7.68
C GLN D 195 -34.72 -6.50 6.79
N GLN D 196 -34.42 -5.47 5.99
CA GLN D 196 -33.24 -5.53 5.13
C GLN D 196 -31.96 -5.64 5.94
N HIS D 197 -31.77 -4.75 6.91
CA HIS D 197 -30.51 -4.89 7.59
C HIS D 197 -30.49 -6.11 8.52
N GLN D 198 -31.62 -6.51 9.07
CA GLN D 198 -31.64 -7.71 9.90
C GLN D 198 -31.23 -8.93 9.10
N ARG D 199 -31.79 -9.09 7.89
CA ARG D 199 -31.48 -10.26 7.09
C ARG D 199 -30.04 -10.22 6.59
N LEU D 200 -29.54 -9.04 6.25
CA LEU D 200 -28.14 -8.94 5.88
C LEU D 200 -27.23 -9.41 7.00
N ALA D 201 -27.51 -9.01 8.24
CA ALA D 201 -26.70 -9.47 9.37
C ALA D 201 -26.81 -10.97 9.54
N GLN D 202 -28.02 -11.52 9.42
CA GLN D 202 -28.18 -12.96 9.59
C GLN D 202 -27.37 -13.73 8.56
N LEU D 203 -27.33 -13.23 7.32
CA LEU D 203 -26.59 -13.92 6.27
C LEU D 203 -25.08 -13.85 6.55
N LEU D 204 -24.57 -12.67 6.88
CA LEU D 204 -23.14 -12.52 7.12
C LEU D 204 -22.69 -13.29 8.35
N LEU D 205 -23.56 -13.42 9.36
CA LEU D 205 -23.18 -14.17 10.56
C LEU D 205 -23.06 -15.66 10.26
N ILE D 206 -23.82 -16.18 9.30
CA ILE D 206 -23.65 -17.57 8.91
C ILE D 206 -22.28 -17.80 8.29
N LEU D 207 -21.73 -16.77 7.64
CA LEU D 207 -20.39 -16.88 7.10
C LEU D 207 -19.34 -17.14 8.17
N SER D 208 -19.60 -16.72 9.42
CA SER D 208 -18.70 -17.04 10.51
C SER D 208 -18.74 -18.53 10.84
N HIS D 209 -19.92 -19.13 10.82
CA HIS D 209 -20.00 -20.59 11.01
C HIS D 209 -19.34 -21.34 9.86
N ILE D 210 -19.44 -20.85 8.64
CA ILE D 210 -18.80 -21.55 7.52
C ILE D 210 -17.28 -21.49 7.66
N ARG D 211 -16.73 -20.39 8.12
CA ARG D 211 -15.30 -20.34 8.36
C ARG D 211 -14.91 -21.41 9.38
N HIS D 212 -15.71 -21.55 10.43
CA HIS D 212 -15.43 -22.50 11.49
C HIS D 212 -15.48 -23.95 10.98
N MET D 213 -16.48 -24.26 10.15
CA MET D 213 -16.60 -25.57 9.53
C MET D 213 -15.39 -25.87 8.63
N SER D 214 -14.94 -24.88 7.86
CA SER D 214 -13.72 -25.04 7.07
C SER D 214 -12.50 -25.30 7.97
N ASN D 215 -12.30 -24.45 8.98
CA ASN D 215 -11.13 -24.62 9.84
C ASN D 215 -11.12 -25.99 10.49
N LYS D 216 -12.24 -26.41 11.00
CA LYS D 216 -12.31 -27.70 11.69
C LYS D 216 -12.21 -28.87 10.69
N GLY D 217 -12.65 -28.67 9.42
CA GLY D 217 -12.39 -29.68 8.41
C GLY D 217 -10.91 -29.81 8.14
N MET D 218 -10.19 -28.69 8.06
CA MET D 218 -8.74 -28.76 7.88
C MET D 218 -8.06 -29.39 9.09
N GLU D 219 -8.54 -29.09 10.30
CA GLU D 219 -7.88 -29.62 11.49
C GLU D 219 -8.06 -31.13 11.59
N HIS D 220 -9.26 -31.62 11.29
CA HIS D 220 -9.51 -33.07 11.28
C HIS D 220 -8.65 -33.80 10.27
N LEU D 221 -8.73 -33.39 9.05
CA LEU D 221 -7.60 -33.65 8.14
C LEU D 221 -6.09 -33.47 8.57
N TYR D 222 -5.73 -32.64 9.45
CA TYR D 222 -4.40 -32.78 9.94
C TYR D 222 -4.29 -33.83 11.05
N SER D 223 -5.27 -33.90 11.96
CA SER D 223 -5.18 -34.90 13.02
C SER D 223 -5.29 -36.31 12.44
N MET D 224 -6.25 -36.55 11.55
CA MET D 224 -6.20 -37.65 10.67
C MET D 224 -5.06 -37.48 9.81
N LYS D 225 -4.41 -38.64 9.80
CA LYS D 225 -2.90 -38.65 9.11
C LYS D 225 -3.12 -38.73 7.55
N CYS D 226 -4.31 -38.31 6.98
CA CYS D 226 -4.55 -38.08 5.55
C CYS D 226 -3.52 -37.15 4.96
N LYS D 227 -2.81 -36.39 5.81
CA LYS D 227 -1.74 -35.49 5.37
C LYS D 227 -2.39 -34.38 4.58
N ASN D 228 -2.05 -34.14 3.31
CA ASN D 228 -2.62 -32.99 2.61
C ASN D 228 -3.00 -33.33 1.19
N VAL D 229 -4.31 -33.25 0.93
CA VAL D 229 -4.85 -32.99 -0.39
C VAL D 229 -5.21 -31.52 -0.55
N VAL D 230 -4.86 -30.70 0.43
CA VAL D 230 -5.14 -29.26 0.37
C VAL D 230 -4.29 -28.64 -0.73
N PRO D 231 -4.88 -27.89 -1.65
CA PRO D 231 -4.09 -27.31 -2.74
C PRO D 231 -3.12 -26.25 -2.19
N SER D 232 -1.91 -26.27 -2.74
CA SER D 232 -0.88 -25.37 -2.25
C SER D 232 -0.93 -24.03 -3.00
N TYR D 233 -0.16 -23.07 -2.49
CA TYR D 233 -0.04 -21.78 -3.16
C TYR D 233 0.43 -21.95 -4.60
N ASP D 234 1.42 -22.83 -4.81
CA ASP D 234 2.00 -22.95 -6.14
C ASP D 234 1.04 -23.65 -7.09
N LEU D 235 0.32 -24.68 -6.60
CA LEU D 235 -0.69 -25.32 -7.43
C LEU D 235 -1.75 -24.32 -7.88
N LEU D 236 -2.25 -23.51 -6.95
CA LEU D 236 -3.27 -22.53 -7.31
C LEU D 236 -2.72 -21.49 -8.28
N LEU D 237 -1.47 -21.08 -8.09
CA LEU D 237 -0.86 -20.13 -9.02
C LEU D 237 -0.82 -20.73 -10.42
N GLU D 238 -0.32 -21.96 -10.54
CA GLU D 238 -0.29 -22.64 -11.84
C GLU D 238 -1.69 -22.77 -12.42
N MET D 239 -2.67 -23.15 -11.59
CA MET D 239 -4.05 -23.26 -12.06
C MET D 239 -4.59 -21.92 -12.52
N LEU D 240 -4.19 -20.83 -11.86
CA LEU D 240 -4.66 -19.50 -12.24
C LEU D 240 -3.99 -19.00 -13.52
N ASP D 241 -2.67 -19.21 -13.64
CA ASP D 241 -1.91 -18.70 -14.78
C ASP D 241 -1.88 -19.72 -15.91
N ALA D 242 -1.25 -20.87 -15.65
CA ALA D 242 -0.94 -21.87 -16.67
C ALA D 242 0.00 -21.30 -17.72
N1 A1AHX E . 14.93 13.61 -29.05
C4 A1AHX E . 9.91 12.82 -28.05
C5 A1AHX E . 8.56 12.99 -27.49
C6 A1AHX E . 8.32 12.58 -26.18
C7 A1AHX E . 7.06 12.71 -25.63
C8 A1AHX E . 6.03 13.24 -26.39
C10 A1AHX E . 7.52 13.50 -28.26
C13 A1AHX E . 10.00 15.87 -29.04
C15 A1AHX E . 10.12 17.08 -31.09
C17 A1AHX E . 10.67 14.77 -31.08
C20 A1AHX E . 16.95 12.42 -30.18
C24 A1AHX E . 15.11 15.82 -27.98
C26 A1AHX E . 14.06 17.72 -29.01
C28 A1AHX E . 13.64 16.91 -30.09
C1 A1AHX E . 12.60 13.14 -27.62
C11 A1AHX E . 10.59 13.44 -29.03
C12 A1AHX E . 10.40 14.72 -29.71
C14 A1AHX E . 9.85 17.05 -29.73
C16 A1AHX E . 10.53 15.95 -31.78
C18 A1AHX E . 11.98 12.82 -28.98
C19 A1AHX E . 15.47 12.90 -30.23
C2 A1AHX E . 11.90 12.18 -26.65
C23 A1AHX E . 14.68 15.00 -29.02
C25 A1AHX E . 14.82 17.18 -27.98
C27 A1AHX E . 13.07 19.70 -29.94
C29 A1AHX E . 13.92 15.55 -30.07
C3 A1AHX E . 10.81 11.66 -27.60
C9 A1AHX E . 6.25 13.65 -27.70
O1 A1AHX E . 15.02 13.22 -26.40
O2 A1AHX E . 4.80 13.35 -25.84
O3 A1AHX E . 9.98 18.25 -31.77
O4 A1AHX E . 11.67 11.48 -28.71
O5 A1AHX E . 13.84 19.06 -28.94
O6 A1AHX E . 14.54 11.22 -27.97
S1 A1AHX E . 14.43 12.66 -27.63
H6 A1AHX E . 9.11 12.14 -25.58
H7 A1AHX E . 6.88 12.41 -24.61
H10 A1AHX E . 7.69 13.79 -29.29
H11 A1AHX E . 9.80 15.84 -27.98
H15 A1AHX E . 10.99 13.88 -31.60
H24 A1AHX E . 15.68 15.41 -27.15
H29 A1AHX E . 13.08 17.31 -30.93
H1 A1AHX E . 12.46 14.18 -27.36
H12 A1AHX E . 9.52 17.94 -29.22
H14 A1AHX E . 10.73 15.99 -32.83
H3 A1AHX E . 12.59 12.94 -29.87
H16 A1AHX E . 15.35 13.55 -31.09
H17 A1AHX E . 14.82 12.05 -30.44
H5 A1AHX E . 12.54 11.39 -26.29
H4 A1AHX E . 11.47 12.69 -25.78
H25 A1AHX E . 15.18 17.82 -27.19
H28 A1AHX E . 12.95 20.76 -29.67
H26 A1AHX E . 12.09 19.22 -29.99
H27 A1AHX E . 13.58 19.61 -30.89
H30 A1AHX E . 13.56 14.93 -30.87
H2 A1AHX E . 10.28 10.74 -27.33
H9 A1AHX E . 5.45 14.06 -28.28
H8 A1AHX E . 4.09 13.04 -26.43
H13 A1AHX E . 10.20 19.01 -31.24
NI NI F . 15.42 33.57 -21.40
N1 A1AHX G . 33.04 23.48 -17.18
C4 A1AHX G . 34.84 23.35 -12.45
C5 A1AHX G . 35.13 22.82 -11.10
C6 A1AHX G . 34.08 22.74 -10.17
C7 A1AHX G . 34.33 22.26 -8.89
C8 A1AHX G . 35.61 21.87 -8.55
C10 A1AHX G . 36.42 22.42 -10.74
C13 A1AHX G . 36.14 20.64 -13.92
C15 A1AHX G . 38.08 20.23 -15.29
C17 A1AHX G . 37.24 22.46 -15.06
C20 A1AHX G . 32.90 25.74 -18.55
C24 A1AHX G . 32.61 21.07 -17.58
C26 A1AHX G . 34.53 19.61 -17.73
C28 A1AHX G . 35.39 20.70 -17.53
C1 A1AHX G . 32.87 23.14 -14.42
C11 A1AHX G . 35.25 22.99 -13.69
C12 A1AHX G . 36.23 22.01 -14.21
C14 A1AHX G . 37.06 19.74 -14.46
C16 A1AHX G . 38.17 21.58 -15.60
C18 A1AHX G . 34.30 23.70 -14.61
C19 A1AHX G . 33.69 24.52 -18.02
C2 A1AHX G . 32.43 23.73 -13.08
C23 A1AHX G . 33.47 22.16 -17.38
C25 A1AHX G . 33.15 19.80 -17.77
C27 A1AHX G . 36.30 18.09 -18.27
C29 A1AHX G . 34.86 21.96 -17.35
C3 A1AHX G . 33.75 24.39 -12.66
C9 A1AHX G . 36.66 21.94 -9.46
O1 A1AHX G . 30.68 23.01 -16.00
O2 A1AHX G . 35.83 21.39 -7.29
O3 A1AHX G . 39.00 19.35 -15.81
O4 A1AHX G . 34.10 24.92 -13.93
O5 A1AHX G . 34.94 18.31 -17.93
O6 A1AHX G . 31.78 25.30 -15.69
S1 A1AHX G . 31.87 23.85 -15.86
H6 A1AHX G . 33.10 23.07 -10.43
H7 A1AHX G . 33.52 22.19 -8.18
H10 A1AHX G . 37.24 22.49 -11.44
H11 A1AHX G . 35.36 20.27 -13.27
H15 A1AHX G . 37.30 23.51 -15.32
H24 A1AHX G . 31.54 21.20 -17.60
H29 A1AHX G . 36.47 20.57 -17.52
H1 A1AHX G . 32.79 22.06 -14.36
H12 A1AHX G . 36.99 18.69 -14.24
H14 A1AHX G . 38.95 21.95 -16.25
H3 A1AHX G . 34.66 23.82 -15.63
H16 A1AHX G . 34.15 24.01 -18.87
H17 A1AHX G . 34.56 24.89 -17.45
H5 A1AHX G . 31.62 24.47 -13.20
H4 A1AHX G . 32.09 22.98 -12.37
H25 A1AHX G . 32.49 18.96 -17.94
H28 A1AHX G . 36.43 17.04 -18.56
H26 A1AHX G . 36.93 18.29 -17.40
H27 A1AHX G . 36.58 18.74 -19.09
H30 A1AHX G . 35.53 22.79 -17.19
H2 A1AHX G . 33.68 25.16 -11.90
H9 A1AHX G . 37.65 21.60 -9.19
H8 A1AHX G . 36.58 21.81 -6.86
H13 A1AHX G . 38.69 18.44 -15.79
N1 A1AHX H . -2.86 -19.24 21.83
C4 A1AHX H . -4.13 -15.14 24.67
C5 A1AHX H . -4.98 -14.18 25.38
C6 A1AHX H . -5.79 -13.28 24.65
C7 A1AHX H . -6.60 -12.38 25.32
C8 A1AHX H . -6.59 -12.32 26.71
C10 A1AHX H . -4.97 -14.10 26.78
C13 A1AHX H . -5.53 -17.66 26.22
C15 A1AHX H . -4.85 -19.32 27.80
C17 A1AHX H . -3.18 -18.16 26.53
C20 A1AHX H . -0.71 -20.36 20.82
C21 A1AHX H . 0.71 -20.75 21.26
C22 A1AHX H . -0.62 -19.45 19.58
C24 A1AHX H . -4.92 -20.56 21.81
C26 A1AHX H . -5.64 -21.60 23.86
C28 A1AHX H . -4.54 -21.09 24.55
C1 A1AHX H . -4.06 -16.79 22.45
C11 A1AHX H . -3.79 -16.43 24.88
C12 A1AHX H . -4.19 -17.42 25.89
C14 A1AHX H . -5.86 -18.60 27.17
C16 A1AHX H . -3.51 -19.10 27.49
C18 A1AHX H . -3.05 -16.83 23.62
C19 A1AHX H . -1.43 -19.60 21.96
C2 A1AHX H . -4.14 -15.30 22.11
C23 A1AHX H . -3.81 -20.04 22.48
C25 A1AHX H . -5.83 -21.33 22.51
C27 A1AHX H . -6.59 -22.57 25.82
C29 A1AHX H . -3.63 -20.30 23.86
C3 A1AHX H . -3.44 -14.73 23.36
C9 A1AHX H . -5.78 -13.17 27.44
F1 A1AHX H . -1.37 -21.46 20.47
O1 A1AHX H . -4.48 -18.03 20.09
O2 A1AHX H . -7.39 -11.40 27.36
O3 A1AHX H . -5.18 -20.24 28.75
O4 A1AHX H . -2.36 -15.64 23.33
O5 A1AHX H . -6.61 -22.36 24.42
O6 A1AHX H . -2.15 -17.02 20.49
S1 A1AHX H . -3.35 -17.72 20.98
H6 A1AHX H . -5.78 -13.30 23.56
H7 A1AHX H . -7.26 -11.73 24.75
H10 A1AHX H . -4.35 -14.76 27.36
H11 A1AHX H . -6.33 -17.11 25.72
H15 A1AHX H . -2.15 -17.99 26.28
H20 A1AHX H . 1.47 -20.08 20.84
H18 A1AHX H . 0.96 -21.76 20.96
H19 A1AHX H . 0.82 -20.71 22.35
H23 A1AHX H . -0.17 -18.49 19.81
H22 A1AHX H . -1.61 -19.25 19.15
H21 A1AHX H . -0.03 -19.91 18.79
H24 A1AHX H . -5.08 -20.37 20.76
H29 A1AHX H . -4.37 -21.28 25.59
H1 A1AHX H . -5.03 -17.21 22.72
H12 A1AHX H . -6.90 -18.77 27.44
H14 A1AHX H . -2.74 -19.66 27.98
H3 A1AHX H . -2.38 -17.68 23.69
H16 A1AHX H . -1.34 -20.20 22.88
H17 A1AHX H . -0.88 -18.69 22.19
H5 A1AHX H . -3.63 -15.05 21.19
H4 A1AHX H . -5.18 -14.95 22.02
H25 A1AHX H . -6.68 -21.74 21.99
H28 A1AHX H . -7.52 -23.07 26.12
H26 A1AHX H . -6.50 -21.62 26.33
H27 A1AHX H . -5.75 -23.21 26.07
H30 A1AHX H . -2.78 -19.89 24.39
H2 A1AHX H . -3.15 -13.68 23.31
H9 A1AHX H . -5.78 -13.14 28.52
H8 A1AHX H . -6.92 -10.90 28.03
H13 A1AHX H . -5.60 -19.86 29.52
NI NI I . -20.89 -30.17 24.40
N1 A1AHX J . -12.97 -33.10 5.27
C4 A1AHX J . -16.02 -32.39 1.40
C5 A1AHX J . -16.62 -31.76 0.21
C6 A1AHX J . -17.51 -30.70 0.40
C7 A1AHX J . -18.11 -30.10 -0.69
C8 A1AHX J . -17.82 -30.58 -1.97
C10 A1AHX J . -16.34 -32.22 -1.07
C13 A1AHX J . -13.04 -32.07 0.18
C15 A1AHX J . -11.26 -33.44 -0.63
C17 A1AHX J . -13.00 -34.42 0.71
C20 A1AHX J . -12.42 -35.07 6.93
C24 A1AHX J . -11.25 -31.35 5.16
C26 A1AHX J . -9.65 -31.40 3.35
C28 A1AHX J . -10.25 -32.54 2.85
C1 A1AHX J . -15.06 -31.92 3.81
C11 A1AHX J . -14.86 -33.08 1.59
C12 A1AHX J . -13.63 -33.18 0.80
C14 A1AHX J . -11.87 -32.19 -0.54
C16 A1AHX J . -11.81 -34.55 0.00
C18 A1AHX J . -14.84 -33.26 3.09
C19 A1AHX J . -12.93 -34.57 5.55
C2 A1AHX J . -16.57 -31.71 3.79
C23 A1AHX J . -11.85 -32.51 4.66
C25 A1AHX J . -10.14 -30.81 4.51
C27 A1AHX J . -8.02 -31.30 1.61
C29 A1AHX J . -11.34 -33.09 3.50
C3 A1AHX J . -16.87 -32.69 2.65
C9 A1AHX J . -16.94 -31.63 -2.17
O1 A1AHX J . -14.12 -30.86 6.17
O2 A1AHX J . -18.41 -29.97 -3.01
O3 A1AHX J . -10.10 -33.57 -1.36
O4 A1AHX J . -16.16 -33.76 3.27
O5 A1AHX J . -8.57 -30.77 2.79
O6 A1AHX J . -15.44 -33.06 6.29
S1 A1AHX J . -14.47 -32.17 5.59
H6 A1AHX J . -17.73 -30.33 1.39
H7 A1AHX J . -18.78 -29.27 -0.56
H10 A1AHX J . -15.67 -33.05 -1.23
H11 A1AHX J . -13.52 -31.10 0.24
H15 A1AHX J . -13.42 -35.28 1.20
H24 A1AHX J . -11.61 -30.86 6.05
H29 A1AHX J . -9.88 -33.02 1.95
H1 A1AHX J . -14.55 -31.07 3.35
H12 A1AHX J . -11.42 -31.32 -1.01
H14 A1AHX J . -11.33 -35.51 -0.07
H3 A1AHX J . -14.05 -33.90 3.48
H16 A1AHX J . -12.33 -35.03 4.77
H17 A1AHX J . -13.92 -34.96 5.39
H5 A1AHX J . -17.07 -31.98 4.73
H4 A1AHX J . -16.86 -30.68 3.55
H25 A1AHX J . -9.67 -29.92 4.91
H28 A1AHX J . -7.22 -30.66 1.27
H26 A1AHX J . -8.80 -31.37 0.85
H27 A1AHX J . -7.63 -32.31 1.81
H30 A1AHX J . -11.80 -33.98 3.08
H2 A1AHX J . -17.92 -32.91 2.42
H9 A1AHX J . -16.73 -31.98 -3.17
H8 A1AHX J . -18.70 -30.58 -3.70
H13 A1AHX J . -9.50 -32.82 -1.26
#